data_8HAF
#
_entry.id   8HAF
#
_cell.length_a   1.00
_cell.length_b   1.00
_cell.length_c   1.00
_cell.angle_alpha   90.00
_cell.angle_beta   90.00
_cell.angle_gamma   90.00
#
_symmetry.space_group_name_H-M   'P 1'
#
loop_
_entity.id
_entity.type
_entity.pdbx_description
1 polymer 'Guanine nucleotide-binding protein G(s) subunit alpha-1'
2 polymer 'Guanine nucleotide-binding protein G(I)/G(S)/G(T) subunit beta-1'
3 polymer 'Guanine nucleotide-binding protein G(I)/G(S)/G(O) subunit gamma-2'
4 polymer 'Nanobody 35'
5 polymer PTHrP[1-36]
6 polymer 'Parathyroid hormone/parathyroid hormone-related peptide receptor'
7 non-polymer 'PALMITIC ACID'
8 non-polymer CHOLESTEROL
#
loop_
_entity_poly.entity_id
_entity_poly.type
_entity_poly.pdbx_seq_one_letter_code
_entity_poly.pdbx_strand_id
1 'polypeptide(L)'
;MGCTLSAEDKAAVERSKMIEKQLQKDKQVYRATHRLLLLGADNSGKSTIVKQMRIYHVNGYSEEECKQYKAVVYSNTIQS
IIAIIRAMGRLKIDFGDSARADDARQLFVLAGAAEEGFMTAELAGVIKRLWKDSGVQACFNRSREYQLNDSAAYYLNDLD
RIAQPNYIPTQQDVLRTRVKTSGIFETKFQVDKVNFHMFDVGAQRDERRKWIQCFNDVTAIIFVVDSSDYNRLQEALNDF
KSIWNNRWLRTISVILFLNKQDLLAEKVLAGKSKIEDYFPEFARYTTPEDATPEPGEDPRVTRAKYFIRDEFLRISTASG
DGRHYCYPHFTCSVDTENARRIFNDCRDIIQRMHLRQYELL
;
A
2 'polypeptide(L)'
;MHHHHHHSSGLVPRGSHMASHHHHHHHHHHGSLLQSELDQLRQEAEQLKNQIRDARKACADATLSQITNNIDPVGRIQMR
TRRTLRGHLAKIYAMHWGTDSRLLVSASQDGKLIIWDSYTTNKVHAIPLRSSWVMTCAYAPSGNYVACGGLDNICSIYNL
KTREGNVRVSRELAGHTGYLSCCRFLDDNQIVTSSGDTTCALWDIETGQQTTTFTGHTGDVMSLSLAPDTRLFVSGACDA
SAKLWDVREGMCRQTFTGHESDINAICFFPNGNAFATGSDDATCRLFDLRADQELMTYSHDNIICGITSVSFSKSGRLLL
AGYDDFNCNVWDALKADRAGVLAGHDNRVSCLGVTDDGMAVATGSWDSFLKIWNGSSGGGGSGGGGSSGVSGWRLFKKIS
;
B
3 'polypeptide(L)' MASNNTASIAQARKLVEQLKMEANIDRIKVSKAAADLMAYCEAHAKEDPLLTPVPASENPFREKKFFCAIL G
4 'polypeptide(L)'
;MAQVQLQESGGGLVQPGGSLRLSCAASGFTFSNYKMNWVRQAPGKGLEWVSDISQSGASISYTGSVKGRFTISRDNAKNT
LYLQMNSLKPEDTAVYYCARCPAPFTRDCFDVTSTTYAYRGQGTQVTVSSHHHHHHEPEA
;
N
5 'polypeptide(L)' AVSEHQLLHDKGKSIQDLRRRFFLHHLIAEIHTAEI(NH2) P
6 'polypeptide(L)'
;DADDVMTKEEQIFLLHRAQAQCEKRLKEVLQRPASIMESDKGWTSASTSGKPRKDKASGKLYPESEEDKEAPTGSRYRGR
PCLPEWDHILCWPLGAPGEVVAVPCPDYIYDFNHKGHAYRRCDRNGSWELVPGHNRTWANYSECVKFLTNETREREVFDR
LAMIYTVGYSVSLASLTVAVLILAYFRRLHCTRNYIHMHLFLSFMLRAVSIFVKDAVLYSGATLDEAERLTEEELRAIAQ
APPPPATAAAGYAGCRVAVTFFLYFLATNYYWILVEGLYLHSLIFMAFFSEKKYLWGFTVFGWGLPAVFVAVWVSVRATL
ANTGCWDLSSGNKKWIIQVPILASIVLNFILFINIVRVLATKLRETNAGRCDTRQQYRKLLKSTLVLMPLFGVHYIVFMA
TPYTEVSGTLWQVQMHYEMLFNSFQGFFVAIIYCFCNGEVQAEIKKSWSRWTLALDFRRKARSGSSSYSYGPMVSH
;
R
#
# COMPACT_ATOMS: atom_id res chain seq x y z
N LEU A 5 -39.56 -6.04 16.64
CA LEU A 5 -38.27 -6.43 16.08
C LEU A 5 -37.70 -5.31 15.22
N SER A 6 -38.37 -5.05 14.08
CA SER A 6 -37.91 -4.00 13.18
C SER A 6 -38.07 -2.62 13.79
N ALA A 7 -39.05 -2.44 14.67
CA ALA A 7 -39.24 -1.14 15.32
C ALA A 7 -38.05 -0.78 16.20
N GLU A 8 -37.53 -1.75 16.96
CA GLU A 8 -36.39 -1.49 17.82
C GLU A 8 -35.10 -1.38 17.01
N ASP A 9 -34.97 -2.17 15.94
CA ASP A 9 -33.75 -2.14 15.14
C ASP A 9 -33.62 -0.86 14.32
N LYS A 10 -34.72 -0.12 14.12
CA LYS A 10 -34.64 1.13 13.37
C LYS A 10 -33.75 2.14 14.07
N ALA A 11 -33.86 2.25 15.40
CA ALA A 11 -33.00 3.15 16.14
C ALA A 11 -31.54 2.74 16.05
N ALA A 12 -31.27 1.43 16.12
CA ALA A 12 -29.89 0.95 15.98
C ALA A 12 -29.34 1.26 14.60
N VAL A 13 -30.16 1.08 13.55
CA VAL A 13 -29.71 1.38 12.20
C VAL A 13 -29.43 2.87 12.04
N GLU A 14 -30.30 3.72 12.59
CA GLU A 14 -30.08 5.16 12.51
C GLU A 14 -28.80 5.56 13.25
N ARG A 15 -28.58 4.98 14.43
CA ARG A 15 -27.36 5.27 15.18
C ARG A 15 -26.12 4.81 14.44
N SER A 16 -26.18 3.64 13.82
CA SER A 16 -25.05 3.16 13.02
C SER A 16 -24.78 4.07 11.84
N LYS A 17 -25.85 4.55 11.18
CA LYS A 17 -25.66 5.48 10.07
C LYS A 17 -25.04 6.79 10.54
N MET A 18 -25.47 7.30 11.71
CA MET A 18 -24.87 8.51 12.25
C MET A 18 -23.39 8.30 12.58
N ILE A 19 -23.06 7.14 13.15
CA ILE A 19 -21.67 6.83 13.46
C ILE A 19 -20.84 6.75 12.19
N GLU A 20 -21.39 6.13 11.14
CA GLU A 20 -20.68 6.05 9.87
C GLU A 20 -20.46 7.44 9.27
N LYS A 21 -21.47 8.31 9.36
CA LYS A 21 -21.32 9.66 8.86
C LYS A 21 -20.23 10.42 9.62
N GLN A 22 -20.21 10.28 10.96
CA GLN A 22 -19.18 10.92 11.75
C GLN A 22 -17.79 10.38 11.40
N LEU A 23 -17.69 9.07 11.21
CA LEU A 23 -16.41 8.47 10.82
C LEU A 23 -15.94 9.00 9.47
N GLN A 24 -16.86 9.10 8.49
CA GLN A 24 -16.50 9.62 7.18
C GLN A 24 -16.07 11.08 7.27
N LYS A 25 -16.76 11.87 8.09
CA LYS A 25 -16.37 13.27 8.27
C LYS A 25 -14.99 13.39 8.91
N ASP A 26 -14.71 12.56 9.91
CA ASP A 26 -13.41 12.63 10.58
C ASP A 26 -12.28 12.04 9.73
N LYS A 27 -12.61 11.17 8.76
CA LYS A 27 -11.59 10.59 7.91
C LYS A 27 -10.87 11.66 7.10
N GLN A 28 -11.60 12.66 6.60
CA GLN A 28 -10.98 13.71 5.81
C GLN A 28 -9.92 14.47 6.61
N VAL A 29 -10.27 14.88 7.84
CA VAL A 29 -9.32 15.63 8.65
C VAL A 29 -8.19 14.72 9.13
N TYR A 30 -8.47 13.44 9.35
CA TYR A 30 -7.40 12.52 9.75
C TYR A 30 -6.38 12.34 8.63
N ARG A 31 -6.85 12.16 7.40
CA ARG A 31 -5.94 11.97 6.27
C ARG A 31 -5.29 13.26 5.82
N ALA A 32 -5.91 14.42 6.10
CA ALA A 32 -5.28 15.69 5.72
C ALA A 32 -4.00 15.95 6.49
N THR A 33 -3.97 15.59 7.77
CA THR A 33 -2.80 15.82 8.62
C THR A 33 -1.74 14.76 8.35
N HIS A 34 -0.48 15.19 8.37
CA HIS A 34 0.65 14.30 8.19
C HIS A 34 1.33 14.05 9.52
N ARG A 35 1.57 12.78 9.84
CA ARG A 35 2.17 12.41 11.11
C ARG A 35 3.69 12.24 10.95
N LEU A 36 4.43 12.75 11.92
CA LEU A 36 5.89 12.69 11.91
C LEU A 36 6.38 12.19 13.26
N LEU A 37 7.57 11.60 13.26
CA LEU A 37 8.20 11.10 14.47
C LEU A 37 9.54 11.80 14.66
N LEU A 38 9.80 12.26 15.89
CA LEU A 38 11.04 12.93 16.24
C LEU A 38 11.88 11.99 17.10
N LEU A 39 13.11 11.73 16.65
CA LEU A 39 14.03 10.85 17.36
C LEU A 39 15.38 11.53 17.48
N GLY A 40 16.08 11.23 18.57
CA GLY A 40 17.39 11.80 18.81
C GLY A 40 17.83 11.55 20.24
N ALA A 41 19.12 11.79 20.46
CA ALA A 41 19.71 11.60 21.77
C ALA A 41 19.44 12.82 22.65
N ASP A 42 19.91 12.76 23.90
CA ASP A 42 19.73 13.88 24.82
C ASP A 42 20.52 15.10 24.37
N ASN A 43 21.74 14.88 23.85
CA ASN A 43 22.57 16.00 23.44
C ASN A 43 22.01 16.72 22.21
N SER A 44 21.22 16.02 21.40
CA SER A 44 20.63 16.64 20.22
C SER A 44 19.65 17.73 20.63
N GLY A 45 19.57 18.78 19.82
CA GLY A 45 18.74 19.92 20.14
C GLY A 45 17.30 19.78 19.71
N LYS A 46 16.67 18.66 20.08
CA LYS A 46 15.26 18.46 19.75
C LYS A 46 14.38 19.50 20.44
N SER A 47 14.72 19.85 21.69
CA SER A 47 13.94 20.84 22.42
C SER A 47 13.97 22.18 21.71
N THR A 48 15.14 22.59 21.22
CA THR A 48 15.24 23.85 20.49
C THR A 48 14.42 23.80 19.22
N ILE A 49 14.45 22.69 18.50
CA ILE A 49 13.70 22.56 17.25
C ILE A 49 12.21 22.70 17.51
N VAL A 50 11.69 21.94 18.49
CA VAL A 50 10.27 21.97 18.76
C VAL A 50 9.86 23.33 19.32
N LYS A 51 10.73 23.98 20.09
CA LYS A 51 10.43 25.33 20.57
C LYS A 51 10.34 26.31 19.41
N GLN A 52 11.25 26.19 18.43
CA GLN A 52 11.23 27.10 17.29
C GLN A 52 9.99 26.91 16.43
N MET A 53 9.58 25.67 16.14
CA MET A 53 8.45 25.54 15.23
C MET A 53 7.10 25.51 15.96
N ARG A 54 7.09 25.49 17.29
CA ARG A 54 5.84 25.60 18.04
C ARG A 54 5.47 27.06 18.31
N ILE A 55 6.42 27.98 18.21
CA ILE A 55 6.18 29.40 18.42
C ILE A 55 5.95 30.12 17.09
N TYR A 56 6.84 29.89 16.11
CA TYR A 56 6.71 30.57 14.83
C TYR A 56 5.55 30.02 14.00
N HIS A 57 5.21 28.74 14.19
CA HIS A 57 4.14 28.10 13.44
C HIS A 57 3.11 27.47 14.38
N VAL A 58 2.72 28.21 15.40
CA VAL A 58 1.76 27.80 16.44
C VAL A 58 1.83 26.32 16.78
N THR A 181 5.91 10.17 33.14
CA THR A 181 4.50 10.08 33.50
C THR A 181 3.63 10.72 32.42
N SER A 182 4.13 11.81 31.83
CA SER A 182 3.39 12.51 30.78
C SER A 182 3.33 11.71 29.48
N GLY A 183 4.17 10.69 29.33
CA GLY A 183 4.17 9.91 28.11
C GLY A 183 4.84 10.66 26.97
N ILE A 184 4.27 10.50 25.78
CA ILE A 184 4.79 11.17 24.60
C ILE A 184 4.17 12.56 24.47
N PHE A 185 4.86 13.44 23.76
CA PHE A 185 4.39 14.80 23.54
C PHE A 185 3.90 14.95 22.10
N GLU A 186 3.08 15.99 21.89
CA GLU A 186 2.53 16.27 20.57
C GLU A 186 2.72 17.74 20.25
N THR A 187 3.22 18.03 19.05
CA THR A 187 3.41 19.39 18.57
C THR A 187 2.72 19.52 17.22
N LYS A 188 1.83 20.50 17.12
CA LYS A 188 1.07 20.74 15.90
C LYS A 188 1.48 22.06 15.28
N PHE A 189 1.91 22.00 14.02
CA PHE A 189 2.28 23.20 13.27
C PHE A 189 1.73 23.10 11.86
N GLN A 190 1.43 24.26 11.28
CA GLN A 190 0.83 24.34 9.94
C GLN A 190 1.70 25.22 9.07
N VAL A 191 2.06 24.70 7.89
CA VAL A 191 2.83 25.45 6.90
C VAL A 191 2.17 25.25 5.53
N ASP A 192 2.00 26.35 4.80
CA ASP A 192 1.37 26.32 3.48
C ASP A 192 -0.02 25.69 3.54
N LYS A 193 -0.77 25.98 4.61
CA LYS A 193 -2.11 25.48 4.85
C LYS A 193 -2.18 23.96 4.94
N VAL A 194 -1.07 23.31 5.27
CA VAL A 194 -1.03 21.85 5.43
C VAL A 194 -0.73 21.53 6.89
N ASN A 195 -1.56 20.68 7.49
CA ASN A 195 -1.41 20.33 8.89
C ASN A 195 -0.37 19.22 9.06
N PHE A 196 0.51 19.40 10.04
CA PHE A 196 1.54 18.43 10.36
C PHE A 196 1.51 18.12 11.85
N HIS A 197 1.68 16.84 12.19
CA HIS A 197 1.72 16.38 13.57
C HIS A 197 3.02 15.64 13.79
N MET A 198 3.74 15.99 14.85
CA MET A 198 4.98 15.33 15.22
C MET A 198 4.91 14.91 16.68
N PHE A 199 5.39 13.70 16.97
CA PHE A 199 5.38 13.15 18.31
C PHE A 199 6.80 12.86 18.77
N ASP A 200 7.08 13.20 20.03
CA ASP A 200 8.38 12.96 20.64
C ASP A 200 8.31 11.73 21.54
N VAL A 201 9.48 11.18 21.86
CA VAL A 201 9.54 9.99 22.70
C VAL A 201 8.98 10.29 24.08
N GLY A 202 9.37 11.41 24.67
CA GLY A 202 8.90 11.77 25.99
C GLY A 202 9.66 11.12 27.11
N ALA A 203 8.96 10.67 28.15
CA ALA A 203 9.56 10.06 29.31
C ALA A 203 9.60 8.53 29.22
N GLN A 204 9.63 7.98 28.01
CA GLN A 204 9.68 6.53 27.86
C GLN A 204 11.06 6.01 28.24
N ARG A 205 11.12 4.71 28.49
CA ARG A 205 12.37 4.07 28.89
C ARG A 205 13.36 4.03 27.73
N ASP A 206 14.59 3.62 28.05
CA ASP A 206 15.64 3.54 27.03
C ASP A 206 15.29 2.53 25.95
N GLU A 207 14.71 1.39 26.34
CA GLU A 207 14.31 0.38 25.38
C GLU A 207 13.24 0.94 24.44
N ARG A 208 13.43 0.73 23.14
CA ARG A 208 12.52 1.24 22.13
C ARG A 208 12.17 0.23 21.05
N ARG A 209 12.68 -1.00 21.13
CA ARG A 209 12.44 -1.99 20.09
C ARG A 209 10.98 -2.42 20.03
N LYS A 210 10.20 -2.19 21.07
CA LYS A 210 8.83 -2.70 21.13
C LYS A 210 7.80 -1.68 20.69
N TRP A 211 7.90 -0.44 21.16
CA TRP A 211 6.89 0.57 20.86
C TRP A 211 7.21 1.39 19.60
N ILE A 212 8.33 1.11 18.94
CA ILE A 212 8.66 1.84 17.72
C ILE A 212 7.91 1.27 16.52
N GLN A 213 7.37 0.06 16.63
CA GLN A 213 6.69 -0.56 15.49
C GLN A 213 5.38 0.14 15.18
N CYS A 214 4.75 0.78 16.17
CA CYS A 214 3.49 1.48 15.92
C CYS A 214 3.70 2.74 15.10
N PHE A 215 4.91 3.28 15.04
CA PHE A 215 5.22 4.47 14.27
C PHE A 215 5.58 4.16 12.83
N ASN A 216 5.14 3.02 12.31
CA ASN A 216 5.45 2.62 10.94
C ASN A 216 4.51 3.23 9.91
N ASP A 217 3.50 3.99 10.34
CA ASP A 217 2.56 4.63 9.44
C ASP A 217 2.78 6.14 9.31
N VAL A 218 3.77 6.70 10.00
CA VAL A 218 4.01 8.14 9.90
C VAL A 218 4.61 8.48 8.54
N THR A 219 4.48 9.75 8.16
CA THR A 219 5.00 10.19 6.88
C THR A 219 6.52 10.06 6.82
N ALA A 220 7.21 10.49 7.88
CA ALA A 220 8.67 10.42 7.93
C ALA A 220 9.11 10.53 9.37
N ILE A 221 10.39 10.20 9.60
CA ILE A 221 11.01 10.33 10.91
C ILE A 221 12.07 11.41 10.82
N ILE A 222 11.99 12.40 11.70
CA ILE A 222 12.99 13.46 11.78
C ILE A 222 14.01 13.03 12.82
N PHE A 223 15.24 12.77 12.37
CA PHE A 223 16.31 12.30 13.23
C PHE A 223 17.35 13.41 13.38
N VAL A 224 17.66 13.76 14.62
CA VAL A 224 18.56 14.86 14.92
C VAL A 224 19.87 14.29 15.44
N VAL A 225 20.98 14.72 14.85
CA VAL A 225 22.31 14.23 15.18
C VAL A 225 23.20 15.41 15.55
N ASP A 226 23.91 15.29 16.68
CA ASP A 226 24.89 16.27 17.10
C ASP A 226 26.24 15.88 16.51
N SER A 227 26.74 16.69 15.59
CA SER A 227 28.00 16.42 14.91
C SER A 227 29.18 17.17 15.51
N SER A 228 28.97 17.92 16.59
CA SER A 228 30.03 18.73 17.19
C SER A 228 30.68 18.07 18.40
N ASP A 229 30.35 16.81 18.70
CA ASP A 229 30.90 16.15 19.88
C ASP A 229 31.93 15.09 19.54
N TYR A 230 31.73 14.34 18.45
CA TYR A 230 32.56 13.21 18.02
C TYR A 230 32.57 12.06 19.02
N ASN A 231 31.81 12.13 20.11
CA ASN A 231 31.79 11.07 21.10
C ASN A 231 30.52 10.22 21.00
N ARG A 232 29.35 10.87 20.96
CA ARG A 232 28.09 10.15 20.79
C ARG A 232 27.72 9.99 19.33
N LEU A 233 28.57 10.41 18.40
CA LEU A 233 28.28 10.27 16.98
C LEU A 233 28.18 8.80 16.58
N GLN A 234 29.05 7.96 17.14
CA GLN A 234 28.99 6.53 16.85
C GLN A 234 27.67 5.93 17.32
N GLU A 235 27.18 6.34 18.48
CA GLU A 235 25.87 5.89 18.95
C GLU A 235 24.77 6.37 18.01
N ALA A 236 24.88 7.60 17.50
CA ALA A 236 23.91 8.10 16.54
C ALA A 236 23.93 7.27 15.26
N LEU A 237 25.12 6.89 14.79
CA LEU A 237 25.23 6.04 13.60
C LEU A 237 24.58 4.69 13.84
N ASN A 238 24.82 4.09 15.01
CA ASN A 238 24.21 2.81 15.31
C ASN A 238 22.70 2.90 15.42
N ASP A 239 22.19 3.99 16.03
CA ASP A 239 20.75 4.17 16.13
C ASP A 239 20.13 4.35 14.75
N PHE A 240 20.78 5.12 13.87
CA PHE A 240 20.26 5.30 12.52
C PHE A 240 20.27 3.99 11.75
N LYS A 241 21.33 3.18 11.90
CA LYS A 241 21.40 1.91 11.22
C LYS A 241 20.28 0.96 11.66
N SER A 242 20.01 0.92 12.96
CA SER A 242 18.94 0.06 13.47
C SER A 242 17.58 0.52 12.96
N ILE A 243 17.34 1.84 12.94
CA ILE A 243 16.08 2.35 12.42
C ILE A 243 15.93 2.06 10.94
N TRP A 244 16.99 2.29 10.16
CA TRP A 244 16.93 2.07 8.72
C TRP A 244 16.73 0.60 8.38
N ASN A 245 17.38 -0.30 9.11
CA ASN A 245 17.30 -1.73 8.84
C ASN A 245 16.12 -2.40 9.54
N ASN A 246 15.33 -1.66 10.31
CA ASN A 246 14.19 -2.26 10.99
C ASN A 246 13.16 -2.74 9.98
N ARG A 247 12.57 -3.91 10.25
CA ARG A 247 11.63 -4.50 9.31
C ARG A 247 10.34 -3.71 9.20
N TRP A 248 9.86 -3.11 10.28
CA TRP A 248 8.62 -2.35 10.26
C TRP A 248 8.83 -0.92 9.75
N LEU A 249 10.00 -0.34 10.01
CA LEU A 249 10.28 1.04 9.64
C LEU A 249 10.95 1.16 8.28
N ARG A 250 11.17 0.04 7.58
CA ARG A 250 11.80 0.04 6.27
C ARG A 250 10.89 0.58 5.16
N THR A 251 9.58 0.69 5.41
CA THR A 251 8.67 1.26 4.43
C THR A 251 8.73 2.79 4.36
N ILE A 252 8.83 3.46 5.50
CA ILE A 252 8.73 4.91 5.58
C ILE A 252 10.12 5.53 5.62
N SER A 253 10.23 6.72 5.02
CA SER A 253 11.49 7.42 4.90
C SER A 253 11.92 8.06 6.23
N VAL A 254 13.18 8.46 6.28
CA VAL A 254 13.76 9.09 7.46
C VAL A 254 14.41 10.40 7.03
N ILE A 255 14.12 11.48 7.76
CA ILE A 255 14.70 12.79 7.51
C ILE A 255 15.84 13.02 8.50
N LEU A 256 16.99 13.41 7.99
CA LEU A 256 18.20 13.58 8.79
C LEU A 256 18.49 15.07 8.96
N PHE A 257 18.57 15.52 10.21
CA PHE A 257 18.94 16.88 10.55
C PHE A 257 20.25 16.86 11.32
N LEU A 258 21.26 17.57 10.81
CA LEU A 258 22.56 17.65 11.46
C LEU A 258 22.63 18.95 12.26
N ASN A 259 22.18 18.87 13.50
CA ASN A 259 22.05 20.04 14.34
C ASN A 259 23.42 20.53 14.83
N LYS A 260 23.44 21.76 15.32
CA LYS A 260 24.62 22.39 15.90
C LYS A 260 25.79 22.43 14.91
N GLN A 261 25.54 23.09 13.77
CA GLN A 261 26.60 23.27 12.78
C GLN A 261 27.59 24.35 13.20
N ASP A 262 27.12 25.40 13.87
CA ASP A 262 28.02 26.46 14.32
C ASP A 262 29.01 25.94 15.36
N LEU A 263 28.56 25.10 16.28
CA LEU A 263 29.48 24.47 17.23
C LEU A 263 30.49 23.58 16.51
N LEU A 264 30.03 22.84 15.50
CA LEU A 264 30.94 22.01 14.71
C LEU A 264 31.96 22.88 13.98
N ALA A 265 31.52 23.99 13.39
CA ALA A 265 32.43 24.87 12.66
C ALA A 265 33.45 25.50 13.60
N GLU A 266 33.00 25.97 14.77
CA GLU A 266 33.90 26.64 15.69
C GLU A 266 34.98 25.70 16.21
N LYS A 267 34.59 24.48 16.61
CA LYS A 267 35.54 23.59 17.26
C LYS A 267 36.55 23.03 16.28
N VAL A 268 36.12 22.75 15.04
CA VAL A 268 37.06 22.27 14.03
C VAL A 268 38.04 23.37 13.64
N LEU A 269 37.62 24.64 13.71
CA LEU A 269 38.53 25.74 13.43
C LEU A 269 39.59 25.88 14.53
N ALA A 270 39.20 25.64 15.79
CA ALA A 270 40.16 25.74 16.88
C ALA A 270 41.26 24.70 16.76
N GLY A 271 40.92 23.48 16.37
CA GLY A 271 41.89 22.42 16.22
C GLY A 271 42.26 21.70 17.49
N LYS A 272 41.70 22.08 18.64
CA LYS A 272 42.00 21.39 19.88
C LYS A 272 41.52 19.94 19.86
N SER A 273 40.34 19.69 19.29
CA SER A 273 39.77 18.36 19.20
C SER A 273 39.84 17.89 17.75
N LYS A 274 40.36 16.69 17.53
CA LYS A 274 40.52 16.13 16.21
C LYS A 274 39.44 15.09 15.93
N ILE A 275 39.26 14.80 14.64
CA ILE A 275 38.27 13.81 14.20
C ILE A 275 38.92 12.54 13.67
N GLU A 276 40.19 12.60 13.25
CA GLU A 276 40.85 11.40 12.71
C GLU A 276 41.04 10.34 13.79
N ASP A 277 41.19 10.74 15.05
CA ASP A 277 41.36 9.77 16.11
C ASP A 277 40.10 8.90 16.29
N TYR A 278 38.93 9.49 16.15
CA TYR A 278 37.68 8.73 16.21
C TYR A 278 37.30 8.10 14.88
N PHE A 279 37.67 8.74 13.76
CA PHE A 279 37.38 8.20 12.42
C PHE A 279 38.64 8.29 11.58
N PRO A 280 39.47 7.25 11.58
CA PRO A 280 40.71 7.28 10.79
C PRO A 280 40.50 7.38 9.29
N GLU A 281 39.31 7.06 8.78
CA GLU A 281 39.06 7.19 7.35
C GLU A 281 39.01 8.64 6.91
N PHE A 282 38.91 9.59 7.84
CA PHE A 282 38.81 11.00 7.47
C PHE A 282 40.11 11.51 6.84
N ALA A 283 41.26 10.96 7.23
CA ALA A 283 42.53 11.45 6.73
C ALA A 283 42.74 11.16 5.25
N ARG A 284 41.92 10.29 4.64
CA ARG A 284 42.06 9.93 3.24
C ARG A 284 40.81 10.32 2.45
N TYR A 285 39.81 10.88 3.14
CA TYR A 285 38.56 11.28 2.52
C TYR A 285 38.73 12.63 1.84
N THR A 286 38.07 12.79 0.69
CA THR A 286 38.16 14.01 -0.10
C THR A 286 36.78 14.64 -0.26
N THR A 287 36.77 15.95 -0.51
CA THR A 287 35.53 16.69 -0.66
C THR A 287 34.80 16.25 -1.92
N PRO A 288 33.49 15.97 -1.86
CA PRO A 288 32.75 15.63 -3.08
C PRO A 288 32.72 16.80 -4.05
N GLU A 289 32.66 16.44 -5.35
CA GLU A 289 32.65 17.47 -6.38
C GLU A 289 31.35 18.27 -6.36
N ASP A 290 30.24 17.62 -6.01
CA ASP A 290 28.93 18.26 -5.96
C ASP A 290 28.65 18.97 -4.64
N ALA A 291 29.66 19.11 -3.79
CA ALA A 291 29.48 19.76 -2.49
C ALA A 291 29.39 21.27 -2.68
N THR A 292 28.18 21.81 -2.52
CA THR A 292 27.97 23.25 -2.64
C THR A 292 28.06 23.87 -1.25
N PRO A 293 29.07 24.67 -0.96
CA PRO A 293 29.21 25.25 0.38
C PRO A 293 28.45 26.56 0.52
N GLU A 294 28.54 27.13 1.72
CA GLU A 294 27.98 28.44 1.99
C GLU A 294 28.81 29.52 1.29
N PRO A 295 28.26 30.72 1.14
CA PRO A 295 29.02 31.79 0.47
C PRO A 295 30.39 32.06 1.08
N GLY A 296 30.53 31.91 2.39
CA GLY A 296 31.84 32.02 3.00
C GLY A 296 32.02 31.20 4.27
N GLU A 297 33.05 30.35 4.28
CA GLU A 297 33.44 29.57 5.44
C GLU A 297 34.73 28.82 5.10
N ASP A 298 35.39 28.32 6.14
CA ASP A 298 36.65 27.61 5.96
C ASP A 298 36.38 26.27 5.26
N PRO A 299 37.18 25.93 4.24
CA PRO A 299 36.99 24.64 3.58
C PRO A 299 37.15 23.42 4.49
N ARG A 300 37.85 23.57 5.61
CA ARG A 300 37.93 22.47 6.57
C ARG A 300 36.56 22.12 7.12
N VAL A 301 35.72 23.14 7.35
CA VAL A 301 34.36 22.90 7.80
C VAL A 301 33.58 22.12 6.76
N THR A 302 33.74 22.48 5.48
CA THR A 302 33.04 21.77 4.41
C THR A 302 33.47 20.31 4.35
N ARG A 303 34.76 20.05 4.49
CA ARG A 303 35.25 18.68 4.44
C ARG A 303 34.71 17.87 5.62
N ALA A 304 34.64 18.47 6.80
CA ALA A 304 34.15 17.77 7.98
C ALA A 304 32.66 17.47 7.88
N LYS A 305 31.87 18.47 7.47
CA LYS A 305 30.42 18.29 7.44
C LYS A 305 29.99 17.31 6.35
N TYR A 306 30.67 17.34 5.19
CA TYR A 306 30.32 16.43 4.11
C TYR A 306 30.82 15.02 4.38
N PHE A 307 31.92 14.87 5.11
CA PHE A 307 32.36 13.54 5.50
C PHE A 307 31.34 12.87 6.41
N ILE A 308 30.78 13.62 7.35
CA ILE A 308 29.73 13.08 8.21
C ILE A 308 28.50 12.72 7.38
N ARG A 309 28.14 13.60 6.44
CA ARG A 309 27.00 13.30 5.55
C ARG A 309 27.27 12.05 4.73
N ASP A 310 28.48 11.94 4.16
CA ASP A 310 28.81 10.75 3.38
C ASP A 310 28.79 9.50 4.25
N GLU A 311 29.19 9.63 5.52
CA GLU A 311 29.12 8.50 6.44
C GLU A 311 27.68 8.06 6.67
N PHE A 312 26.75 9.03 6.81
CA PHE A 312 25.36 8.69 7.06
C PHE A 312 24.71 8.07 5.83
N LEU A 313 24.97 8.65 4.65
CA LEU A 313 24.37 8.12 3.42
C LEU A 313 24.92 6.74 3.07
N ARG A 314 26.12 6.41 3.53
CA ARG A 314 26.65 5.07 3.31
C ARG A 314 25.79 4.03 4.01
N ILE A 315 25.37 4.33 5.25
CA ILE A 315 24.48 3.43 5.97
C ILE A 315 23.10 3.39 5.32
N SER A 316 22.60 4.55 4.89
CA SER A 316 21.28 4.60 4.27
C SER A 316 21.24 3.81 2.97
N THR A 317 22.28 3.92 2.15
CA THR A 317 22.34 3.21 0.88
C THR A 317 22.83 1.77 1.02
N ALA A 318 23.26 1.37 2.22
CA ALA A 318 23.71 -0.01 2.41
C ALA A 318 22.57 -1.00 2.34
N SER A 319 21.34 -0.55 2.59
CA SER A 319 20.17 -1.44 2.55
C SER A 319 18.97 -0.64 2.07
N GLY A 320 18.00 -1.36 1.49
CA GLY A 320 16.81 -0.72 0.97
C GLY A 320 16.86 -0.50 -0.53
N ASP A 321 16.10 -1.29 -1.28
CA ASP A 321 16.08 -1.18 -2.74
C ASP A 321 15.00 -0.20 -3.17
N GLY A 322 15.20 1.06 -2.79
CA GLY A 322 14.27 2.12 -3.14
C GLY A 322 13.00 2.16 -2.32
N ARG A 323 12.89 1.32 -1.29
CA ARG A 323 11.68 1.32 -0.47
C ARG A 323 11.53 2.61 0.31
N HIS A 324 12.63 3.14 0.85
CA HIS A 324 12.61 4.40 1.59
C HIS A 324 13.90 5.16 1.29
N TYR A 325 13.84 6.48 1.45
CA TYR A 325 14.95 7.35 1.10
C TYR A 325 15.34 8.21 2.30
N CYS A 326 16.57 8.69 2.27
CA CYS A 326 17.11 9.55 3.32
C CYS A 326 17.36 10.93 2.75
N TYR A 327 17.00 11.96 3.51
CA TYR A 327 17.14 13.36 3.09
C TYR A 327 18.04 14.10 4.07
N PRO A 328 19.33 14.20 3.79
CA PRO A 328 20.22 14.94 4.69
C PRO A 328 20.01 16.45 4.56
N HIS A 329 20.03 17.13 5.71
CA HIS A 329 19.86 18.56 5.75
C HIS A 329 20.69 19.14 6.89
N PHE A 330 21.28 20.31 6.65
CA PHE A 330 22.04 21.01 7.68
C PHE A 330 21.13 21.97 8.42
N THR A 331 21.08 21.83 9.74
CA THR A 331 20.15 22.60 10.56
C THR A 331 20.89 23.17 11.77
N CYS A 332 20.58 24.42 12.09
CA CYS A 332 21.12 25.09 13.27
C CYS A 332 20.00 25.26 14.30
N SER A 333 20.40 25.58 15.53
CA SER A 333 19.43 25.76 16.59
C SER A 333 18.51 26.94 16.32
N VAL A 334 19.06 28.04 15.80
CA VAL A 334 18.29 29.25 15.52
C VAL A 334 17.75 29.28 14.11
N ASP A 335 17.94 28.22 13.32
CA ASP A 335 17.47 28.20 11.94
C ASP A 335 15.95 28.17 11.90
N THR A 336 15.36 29.15 11.20
CA THR A 336 13.92 29.23 11.06
C THR A 336 13.40 28.56 9.79
N GLU A 337 14.27 27.98 8.97
CA GLU A 337 13.87 27.33 7.74
C GLU A 337 13.58 25.84 7.92
N ASN A 338 13.59 25.35 9.16
CA ASN A 338 13.34 23.93 9.42
C ASN A 338 11.93 23.53 8.98
N ALA A 339 10.94 24.38 9.24
CA ALA A 339 9.58 24.06 8.84
C ALA A 339 9.45 23.96 7.33
N ARG A 340 10.10 24.87 6.60
CA ARG A 340 10.06 24.79 5.13
C ARG A 340 10.76 23.53 4.63
N ARG A 341 11.89 23.17 5.24
CA ARG A 341 12.61 21.98 4.82
C ARG A 341 11.80 20.71 5.07
N ILE A 342 11.11 20.65 6.21
CA ILE A 342 10.25 19.50 6.50
C ILE A 342 9.10 19.42 5.49
N PHE A 343 8.50 20.57 5.19
CA PHE A 343 7.39 20.60 4.23
C PHE A 343 7.84 20.14 2.84
N ASN A 344 9.02 20.60 2.40
CA ASN A 344 9.54 20.16 1.11
C ASN A 344 9.85 18.66 1.13
N ASP A 345 10.43 18.17 2.22
CA ASP A 345 10.76 16.75 2.31
C ASP A 345 9.50 15.90 2.33
N CYS A 346 8.47 16.33 3.06
CA CYS A 346 7.22 15.58 3.09
C CYS A 346 6.56 15.56 1.72
N ARG A 347 6.61 16.68 1.00
CA ARG A 347 6.05 16.71 -0.34
C ARG A 347 6.78 15.76 -1.28
N ASP A 348 8.11 15.70 -1.17
CA ASP A 348 8.88 14.79 -2.01
C ASP A 348 8.54 13.35 -1.71
N ILE A 349 8.38 13.00 -0.43
CA ILE A 349 8.03 11.63 -0.05
C ILE A 349 6.65 11.27 -0.58
N ILE A 350 5.68 12.17 -0.46
CA ILE A 350 4.34 11.91 -0.96
C ILE A 350 4.36 11.72 -2.48
N GLN A 351 5.08 12.59 -3.19
CA GLN A 351 5.17 12.46 -4.64
C GLN A 351 5.86 11.15 -5.03
N ARG A 352 6.94 10.79 -4.34
CA ARG A 352 7.64 9.55 -4.65
C ARG A 352 6.76 8.33 -4.35
N MET A 353 6.01 8.38 -3.25
CA MET A 353 5.10 7.28 -2.94
C MET A 353 4.01 7.14 -4.00
N HIS A 354 3.47 8.27 -4.46
CA HIS A 354 2.46 8.23 -5.51
C HIS A 354 3.03 7.66 -6.81
N LEU A 355 4.24 8.07 -7.18
CA LEU A 355 4.86 7.53 -8.39
C LEU A 355 5.15 6.05 -8.24
N ARG A 356 5.52 5.61 -7.03
CA ARG A 356 5.69 4.19 -6.79
C ARG A 356 4.38 3.43 -6.96
N GLN A 357 3.27 4.03 -6.52
CA GLN A 357 1.96 3.40 -6.71
C GLN A 357 1.61 3.32 -8.19
N TYR A 358 2.12 4.25 -9.00
CA TYR A 358 1.94 4.22 -10.44
C TYR A 358 2.94 3.31 -11.13
N GLU A 359 3.86 2.69 -10.39
CA GLU A 359 4.90 1.83 -10.95
C GLU A 359 5.77 2.57 -11.95
N LEU A 360 6.03 3.86 -11.69
CA LEU A 360 6.90 4.67 -12.54
C LEU A 360 8.32 4.77 -12.02
N LEU A 361 8.55 4.41 -10.75
CA LEU A 361 9.90 4.45 -10.19
C LEU A 361 10.23 3.13 -9.49
N GLU B 37 31.61 -8.27 48.34
CA GLU B 37 30.32 -8.53 48.96
C GLU B 37 29.29 -8.99 47.94
N LEU B 38 29.25 -8.29 46.80
CA LEU B 38 28.31 -8.66 45.75
C LEU B 38 28.60 -10.05 45.20
N ASP B 39 29.88 -10.44 45.19
CA ASP B 39 30.25 -11.76 44.68
C ASP B 39 29.64 -12.87 45.53
N GLN B 40 29.63 -12.69 46.85
CA GLN B 40 29.05 -13.70 47.74
C GLN B 40 27.55 -13.85 47.48
N LEU B 41 26.84 -12.73 47.34
CA LEU B 41 25.40 -12.80 47.07
C LEU B 41 25.12 -13.43 45.71
N ARG B 42 25.92 -13.09 44.70
CA ARG B 42 25.71 -13.67 43.37
C ARG B 42 25.98 -15.18 43.39
N GLN B 43 27.02 -15.61 44.10
CA GLN B 43 27.30 -17.04 44.21
C GLN B 43 26.19 -17.76 44.95
N GLU B 44 25.66 -17.14 46.02
CA GLU B 44 24.54 -17.76 46.73
C GLU B 44 23.32 -17.87 45.84
N ALA B 45 23.04 -16.84 45.04
CA ALA B 45 21.89 -16.88 44.15
C ALA B 45 22.07 -17.92 43.05
N GLU B 46 23.30 -18.10 42.57
CA GLU B 46 23.56 -19.08 41.52
C GLU B 46 23.24 -20.49 41.99
N GLN B 47 23.59 -20.81 43.23
CA GLN B 47 23.30 -22.14 43.77
C GLN B 47 21.80 -22.40 43.83
N LEU B 48 21.02 -21.38 44.23
CA LEU B 48 19.58 -21.56 44.34
C LEU B 48 18.92 -21.82 42.99
N LYS B 49 19.53 -21.31 41.91
CA LYS B 49 19.00 -21.57 40.57
C LYS B 49 19.09 -23.05 40.21
N ASN B 50 20.19 -23.72 40.61
CA ASN B 50 20.34 -25.14 40.31
C ASN B 50 19.31 -25.97 41.06
N GLN B 51 18.95 -25.56 42.28
CA GLN B 51 17.95 -26.31 43.05
C GLN B 51 16.61 -26.30 42.34
N ILE B 52 16.21 -25.17 41.77
CA ILE B 52 14.95 -25.09 41.04
C ILE B 52 14.97 -26.03 39.84
N ARG B 53 16.08 -26.04 39.11
CA ARG B 53 16.19 -26.92 37.94
C ARG B 53 16.12 -28.38 38.34
N ASP B 54 16.81 -28.76 39.43
CA ASP B 54 16.77 -30.14 39.90
C ASP B 54 15.36 -30.52 40.35
N ALA B 55 14.67 -29.63 41.06
CA ALA B 55 13.31 -29.92 41.49
C ALA B 55 12.37 -30.09 40.31
N ARG B 56 12.52 -29.23 39.29
CA ARG B 56 11.70 -29.36 38.09
C ARG B 56 12.00 -30.65 37.33
N LYS B 57 13.27 -31.05 37.26
CA LYS B 57 13.64 -32.27 36.56
C LYS B 57 13.13 -33.50 37.30
N ALA B 58 13.14 -33.47 38.64
CA ALA B 58 12.72 -34.63 39.41
C ALA B 58 11.27 -35.02 39.15
N CYS B 59 10.43 -34.04 38.80
CA CYS B 59 9.03 -34.32 38.50
C CYS B 59 8.79 -34.65 37.03
N ALA B 60 9.80 -34.51 36.18
CA ALA B 60 9.66 -34.74 34.75
C ALA B 60 9.60 -36.23 34.48
N ASP B 61 8.39 -36.79 34.48
CA ASP B 61 8.20 -38.20 34.22
C ASP B 61 8.20 -38.49 32.72
N ALA B 62 7.27 -37.89 32.00
CA ALA B 62 7.16 -38.10 30.56
C ALA B 62 6.55 -36.86 29.91
N THR B 63 6.83 -36.70 28.62
CA THR B 63 6.29 -35.58 27.87
C THR B 63 4.80 -35.75 27.63
N LEU B 64 4.08 -34.63 27.64
CA LEU B 64 2.63 -34.67 27.40
C LEU B 64 2.31 -35.25 26.02
N SER B 65 3.21 -35.08 25.06
CA SER B 65 2.99 -35.64 23.73
C SER B 65 2.96 -37.16 23.77
N GLN B 66 3.73 -37.78 24.68
CA GLN B 66 3.77 -39.24 24.76
C GLN B 66 2.45 -39.81 25.27
N ILE B 67 1.88 -39.19 26.32
CA ILE B 67 0.66 -39.72 26.91
C ILE B 67 -0.56 -39.46 26.03
N THR B 68 -0.49 -38.47 25.14
CA THR B 68 -1.61 -38.14 24.26
C THR B 68 -1.60 -38.92 22.96
N ASN B 69 -0.72 -39.92 22.84
CA ASN B 69 -0.64 -40.70 21.61
C ASN B 69 -1.87 -41.57 21.38
N ASN B 70 -2.63 -41.88 22.43
CA ASN B 70 -3.79 -42.74 22.31
C ASN B 70 -5.09 -41.98 22.05
N ILE B 71 -5.06 -40.65 22.07
CA ILE B 71 -6.27 -39.86 21.87
C ILE B 71 -6.55 -39.71 20.38
N ASP B 72 -7.81 -39.48 20.05
CA ASP B 72 -8.21 -39.32 18.65
C ASP B 72 -7.80 -37.95 18.15
N PRO B 73 -7.12 -37.86 17.00
CA PRO B 73 -6.75 -36.54 16.47
C PRO B 73 -7.98 -35.72 16.10
N VAL B 74 -7.83 -34.40 16.24
CA VAL B 74 -8.91 -33.48 15.91
C VAL B 74 -9.19 -33.45 14.41
N GLY B 75 -8.16 -33.42 13.58
CA GLY B 75 -8.32 -33.34 12.15
C GLY B 75 -8.36 -31.90 11.65
N ARG B 76 -8.40 -31.77 10.33
CA ARG B 76 -8.44 -30.46 9.70
C ARG B 76 -9.75 -29.76 10.05
N ILE B 77 -9.65 -28.46 10.36
CA ILE B 77 -10.80 -27.65 10.75
C ILE B 77 -10.99 -26.55 9.71
N GLN B 78 -12.21 -26.45 9.18
CA GLN B 78 -12.56 -25.43 8.19
C GLN B 78 -13.24 -24.28 8.90
N MET B 79 -12.68 -23.08 8.75
CA MET B 79 -13.25 -21.87 9.31
C MET B 79 -13.43 -20.84 8.20
N ARG B 80 -14.60 -20.20 8.18
CA ARG B 80 -14.94 -19.21 7.17
C ARG B 80 -15.35 -17.91 7.84
N THR B 81 -15.07 -16.80 7.16
CA THR B 81 -15.43 -15.49 7.69
C THR B 81 -16.93 -15.27 7.57
N ARG B 82 -17.60 -15.18 8.72
CA ARG B 82 -19.03 -14.92 8.74
C ARG B 82 -19.37 -13.43 8.73
N ARG B 83 -18.62 -12.62 9.47
CA ARG B 83 -18.84 -11.19 9.52
C ARG B 83 -17.51 -10.48 9.30
N THR B 84 -17.57 -9.33 8.63
CA THR B 84 -16.38 -8.52 8.36
C THR B 84 -16.66 -7.11 8.85
N LEU B 85 -15.95 -6.68 9.88
CA LEU B 85 -16.12 -5.35 10.45
C LEU B 85 -15.07 -4.41 9.86
N ARG B 86 -15.54 -3.34 9.21
CA ARG B 86 -14.67 -2.36 8.59
C ARG B 86 -15.15 -0.96 8.92
N GLY B 87 -14.22 -0.01 8.88
CA GLY B 87 -14.52 1.38 9.20
C GLY B 87 -13.40 2.08 9.93
N HIS B 88 -12.48 1.31 10.51
CA HIS B 88 -11.33 1.90 11.17
C HIS B 88 -10.38 2.49 10.14
N LEU B 89 -9.72 3.59 10.52
CA LEU B 89 -8.83 4.30 9.62
C LEU B 89 -7.39 3.77 9.71
N ALA B 90 -6.84 3.73 10.91
CA ALA B 90 -5.48 3.26 11.12
C ALA B 90 -5.49 1.77 11.46
N LYS B 91 -4.31 1.23 11.74
CA LYS B 91 -4.19 -0.19 12.06
C LYS B 91 -4.81 -0.50 13.41
N ILE B 92 -5.40 -1.68 13.52
CA ILE B 92 -6.02 -2.13 14.76
C ILE B 92 -5.00 -2.89 15.58
N TYR B 93 -4.86 -2.52 16.86
CA TYR B 93 -3.83 -3.08 17.71
C TYR B 93 -4.35 -4.08 18.74
N ALA B 94 -5.56 -3.88 19.27
CA ALA B 94 -6.08 -4.79 20.28
C ALA B 94 -7.61 -4.76 20.26
N MET B 95 -8.20 -5.79 20.83
CA MET B 95 -9.65 -5.88 20.98
C MET B 95 -9.96 -6.80 22.15
N HIS B 96 -11.23 -6.75 22.59
CA HIS B 96 -11.68 -7.61 23.67
C HIS B 96 -13.14 -7.97 23.43
N TRP B 97 -13.55 -9.09 24.01
CA TRP B 97 -14.91 -9.59 23.90
C TRP B 97 -15.69 -9.31 25.18
N GLY B 98 -17.01 -9.13 25.03
CA GLY B 98 -17.87 -8.93 26.17
C GLY B 98 -18.29 -10.24 26.82
N THR B 99 -18.82 -10.12 28.04
CA THR B 99 -19.29 -11.29 28.76
C THR B 99 -20.49 -11.93 28.07
N ASP B 100 -21.40 -11.11 27.55
CA ASP B 100 -22.61 -11.61 26.89
C ASP B 100 -22.33 -12.20 25.52
N SER B 101 -21.10 -12.09 25.01
CA SER B 101 -20.72 -12.60 23.69
C SER B 101 -21.50 -11.94 22.57
N ARG B 102 -21.98 -10.72 22.79
CA ARG B 102 -22.75 -9.97 21.80
C ARG B 102 -21.98 -8.77 21.26
N LEU B 103 -21.35 -8.00 22.14
CA LEU B 103 -20.63 -6.79 21.77
C LEU B 103 -19.13 -6.95 22.02
N LEU B 104 -18.34 -6.35 21.15
CA LEU B 104 -16.89 -6.34 21.30
C LEU B 104 -16.37 -4.93 21.05
N VAL B 105 -15.24 -4.62 21.67
CA VAL B 105 -14.60 -3.32 21.54
C VAL B 105 -13.25 -3.51 20.86
N SER B 106 -12.92 -2.62 19.93
CA SER B 106 -11.68 -2.70 19.17
C SER B 106 -10.96 -1.36 19.24
N ALA B 107 -9.63 -1.42 19.29
CA ALA B 107 -8.79 -0.24 19.39
C ALA B 107 -7.94 -0.10 18.14
N SER B 108 -7.91 1.11 17.58
CA SER B 108 -7.12 1.42 16.41
C SER B 108 -6.28 2.67 16.68
N GLN B 109 -5.13 2.73 16.01
CA GLN B 109 -4.16 3.79 16.27
C GLN B 109 -4.59 5.16 15.73
N ASP B 110 -5.81 5.29 15.21
CA ASP B 110 -6.32 6.59 14.78
C ASP B 110 -6.96 7.37 15.91
N GLY B 111 -7.01 6.81 17.11
CA GLY B 111 -7.63 7.48 18.24
C GLY B 111 -9.12 7.27 18.38
N LYS B 112 -9.66 6.19 17.82
CA LYS B 112 -11.09 5.93 17.87
C LYS B 112 -11.33 4.53 18.42
N LEU B 113 -12.23 4.41 19.40
CA LEU B 113 -12.66 3.14 19.94
C LEU B 113 -14.12 2.91 19.53
N ILE B 114 -14.37 1.79 18.85
CA ILE B 114 -15.70 1.47 18.34
C ILE B 114 -16.14 0.14 18.92
N ILE B 115 -17.38 0.10 19.41
CA ILE B 115 -18.00 -1.11 19.93
C ILE B 115 -18.87 -1.69 18.82
N TRP B 116 -18.62 -2.97 18.49
CA TRP B 116 -19.27 -3.62 17.36
C TRP B 116 -20.26 -4.66 17.86
N ASP B 117 -21.41 -4.75 17.18
CA ASP B 117 -22.39 -5.80 17.42
C ASP B 117 -22.05 -6.96 16.49
N SER B 118 -21.62 -8.08 17.07
CA SER B 118 -21.15 -9.21 16.27
C SER B 118 -22.24 -9.83 15.42
N TYR B 119 -23.51 -9.73 15.85
CA TYR B 119 -24.60 -10.40 15.14
C TYR B 119 -25.10 -9.60 13.95
N THR B 120 -25.25 -8.29 14.10
CA THR B 120 -25.86 -7.45 13.08
C THR B 120 -24.96 -6.30 12.60
N THR B 121 -23.71 -6.26 13.05
CA THR B 121 -22.63 -5.43 12.49
C THR B 121 -22.83 -3.93 12.69
N ASN B 122 -23.88 -3.51 13.40
CA ASN B 122 -24.06 -2.08 13.65
C ASN B 122 -23.09 -1.61 14.74
N LYS B 123 -22.68 -0.35 14.64
CA LYS B 123 -21.79 0.27 15.61
C LYS B 123 -22.63 1.00 16.65
N VAL B 124 -22.57 0.53 17.90
CA VAL B 124 -23.40 1.10 18.95
C VAL B 124 -22.76 2.34 19.59
N HIS B 125 -21.44 2.44 19.58
CA HIS B 125 -20.77 3.57 20.18
C HIS B 125 -19.44 3.83 19.48
N ALA B 126 -19.06 5.10 19.40
CA ALA B 126 -17.78 5.51 18.86
C ALA B 126 -17.15 6.51 19.82
N ILE B 127 -16.03 6.14 20.42
CA ILE B 127 -15.40 6.93 21.46
C ILE B 127 -14.17 7.62 20.86
N PRO B 128 -14.18 8.96 20.73
CA PRO B 128 -12.99 9.67 20.27
C PRO B 128 -11.96 9.78 21.39
N LEU B 129 -10.88 9.02 21.27
CA LEU B 129 -9.86 8.98 22.31
C LEU B 129 -9.06 10.28 22.35
N ARG B 130 -8.65 10.66 23.56
CA ARG B 130 -7.81 11.85 23.73
C ARG B 130 -6.42 11.65 23.13
N SER B 131 -5.92 10.42 23.11
CA SER B 131 -4.61 10.11 22.55
C SER B 131 -4.79 9.11 21.41
N SER B 132 -4.13 9.40 20.29
CA SER B 132 -4.27 8.55 19.11
C SER B 132 -3.49 7.25 19.23
N TRP B 133 -2.33 7.27 19.91
CA TRP B 133 -1.46 6.11 19.98
C TRP B 133 -1.91 5.20 21.13
N VAL B 134 -2.98 4.46 20.86
CA VAL B 134 -3.53 3.50 21.82
C VAL B 134 -3.10 2.10 21.42
N MET B 135 -2.67 1.31 22.41
CA MET B 135 -2.16 -0.03 22.18
C MET B 135 -3.00 -1.14 22.78
N THR B 136 -3.94 -0.84 23.68
CA THR B 136 -4.73 -1.89 24.32
C THR B 136 -6.11 -1.35 24.66
N CYS B 137 -7.04 -2.27 24.84
CA CYS B 137 -8.40 -1.94 25.27
C CYS B 137 -8.96 -3.11 26.07
N ALA B 138 -9.88 -2.79 26.99
CA ALA B 138 -10.48 -3.80 27.85
C ALA B 138 -11.97 -3.55 27.96
N TYR B 139 -12.72 -4.62 28.20
CA TYR B 139 -14.17 -4.56 28.37
C TYR B 139 -14.51 -5.10 29.75
N ALA B 140 -15.27 -4.32 30.51
CA ALA B 140 -15.65 -4.74 31.86
C ALA B 140 -16.60 -5.94 31.79
N PRO B 141 -16.53 -6.83 32.78
CA PRO B 141 -17.45 -7.98 32.77
C PRO B 141 -18.92 -7.58 32.85
N SER B 142 -19.24 -6.49 33.52
CA SER B 142 -20.62 -6.02 33.62
C SER B 142 -21.09 -5.26 32.39
N GLY B 143 -20.18 -4.88 31.50
CA GLY B 143 -20.54 -4.15 30.31
C GLY B 143 -20.78 -2.67 30.50
N ASN B 144 -20.47 -2.12 31.68
CA ASN B 144 -20.74 -0.72 31.96
C ASN B 144 -19.52 0.17 31.75
N TYR B 145 -18.32 -0.40 31.72
CA TYR B 145 -17.11 0.39 31.62
C TYR B 145 -16.20 -0.18 30.53
N VAL B 146 -15.46 0.72 29.89
CA VAL B 146 -14.47 0.36 28.88
C VAL B 146 -13.19 1.15 29.15
N ALA B 147 -12.06 0.47 29.14
CA ALA B 147 -10.77 1.09 29.41
C ALA B 147 -9.83 0.86 28.23
N CYS B 148 -8.88 1.79 28.07
CA CYS B 148 -7.91 1.71 26.99
C CYS B 148 -6.67 2.50 27.40
N GLY B 149 -5.58 2.25 26.71
CA GLY B 149 -4.33 2.94 27.00
C GLY B 149 -3.29 2.63 25.95
N GLY B 150 -2.16 3.34 26.07
CA GLY B 150 -1.08 3.19 25.11
C GLY B 150 0.16 3.97 25.48
N LEU B 151 0.75 4.66 24.50
CA LEU B 151 1.96 5.43 24.74
C LEU B 151 1.72 6.67 25.59
N ASP B 152 0.47 7.04 25.85
CA ASP B 152 0.17 8.22 26.66
C ASP B 152 0.41 8.00 28.14
N ASN B 153 0.69 6.75 28.57
CA ASN B 153 0.92 6.37 29.96
C ASN B 153 -0.29 6.62 30.85
N ILE B 154 -1.46 6.85 30.27
CA ILE B 154 -2.68 7.11 31.03
C ILE B 154 -3.73 6.07 30.64
N CYS B 155 -4.33 5.44 31.66
CA CYS B 155 -5.36 4.42 31.46
C CYS B 155 -6.71 5.12 31.45
N SER B 156 -7.16 5.52 30.27
CA SER B 156 -8.45 6.18 30.12
C SER B 156 -9.58 5.18 30.34
N ILE B 157 -10.58 5.60 31.13
CA ILE B 157 -11.72 4.76 31.48
C ILE B 157 -12.98 5.48 31.04
N TYR B 158 -13.83 4.78 30.29
CA TYR B 158 -15.06 5.35 29.75
C TYR B 158 -16.26 4.59 30.29
N ASN B 159 -17.32 5.32 30.62
CA ASN B 159 -18.56 4.73 31.13
C ASN B 159 -19.60 4.69 30.03
N LEU B 160 -20.17 3.49 29.80
CA LEU B 160 -21.19 3.31 28.77
C LEU B 160 -22.59 3.55 29.32
N LYS B 161 -22.92 2.94 30.45
CA LYS B 161 -24.25 3.06 31.05
C LYS B 161 -24.29 4.33 31.90
N THR B 162 -24.42 5.46 31.21
CA THR B 162 -24.51 6.77 31.85
C THR B 162 -25.96 7.22 31.90
N ARG B 163 -26.30 7.93 32.98
CA ARG B 163 -27.66 8.43 33.15
C ARG B 163 -28.03 9.45 32.09
N GLU B 164 -27.07 10.23 31.61
CA GLU B 164 -27.33 11.21 30.56
C GLU B 164 -27.47 10.57 29.19
N GLY B 165 -26.71 9.50 28.93
CA GLY B 165 -26.78 8.83 27.65
C GLY B 165 -25.67 9.19 26.68
N ASN B 166 -24.48 9.51 27.18
CA ASN B 166 -23.35 9.85 26.32
C ASN B 166 -22.08 9.32 26.94
N VAL B 167 -21.13 8.91 26.09
CA VAL B 167 -19.86 8.41 26.58
C VAL B 167 -19.00 9.58 27.05
N ARG B 168 -18.25 9.36 28.13
CA ARG B 168 -17.40 10.39 28.69
C ARG B 168 -16.26 9.74 29.44
N VAL B 169 -15.21 10.52 29.68
CA VAL B 169 -14.05 10.03 30.43
C VAL B 169 -14.45 9.97 31.91
N SER B 170 -14.56 8.75 32.44
CA SER B 170 -14.92 8.61 33.85
C SER B 170 -13.75 8.96 34.75
N ARG B 171 -12.66 8.20 34.66
CA ARG B 171 -11.46 8.47 35.44
C ARG B 171 -10.23 8.21 34.58
N GLU B 172 -9.19 8.99 34.78
CA GLU B 172 -7.92 8.83 34.09
C GLU B 172 -6.86 8.48 35.12
N LEU B 173 -6.13 7.39 34.88
CA LEU B 173 -5.14 6.92 35.83
C LEU B 173 -3.73 7.21 35.33
N ALA B 174 -2.91 7.79 36.20
CA ALA B 174 -1.55 8.15 35.86
C ALA B 174 -0.61 7.68 36.96
N GLY B 175 0.66 7.50 36.59
CA GLY B 175 1.66 7.02 37.53
C GLY B 175 2.69 6.11 36.90
N HIS B 176 2.36 5.56 35.73
CA HIS B 176 3.31 4.73 34.99
C HIS B 176 4.23 5.63 34.18
N THR B 177 5.54 5.40 34.30
CA THR B 177 6.52 6.16 33.54
C THR B 177 6.80 5.56 32.17
N GLY B 178 6.17 4.41 31.84
CA GLY B 178 6.33 3.79 30.55
C GLY B 178 4.99 3.64 29.84
N TYR B 179 5.08 3.18 28.59
CA TYR B 179 3.88 3.03 27.77
C TYR B 179 2.96 1.96 28.34
N LEU B 180 1.67 2.13 28.09
CA LEU B 180 0.66 1.19 28.58
C LEU B 180 0.47 0.08 27.56
N SER B 181 0.68 -1.17 28.00
CA SER B 181 0.69 -2.29 27.09
C SER B 181 -0.60 -3.11 27.14
N CYS B 182 -1.15 -3.34 28.33
CA CYS B 182 -2.35 -4.16 28.46
C CYS B 182 -3.06 -3.80 29.75
N CYS B 183 -4.34 -4.16 29.82
CA CYS B 183 -5.16 -3.94 30.99
C CYS B 183 -6.38 -4.85 30.92
N ARG B 184 -6.84 -5.30 32.09
CA ARG B 184 -7.99 -6.18 32.19
C ARG B 184 -8.81 -5.80 33.42
N PHE B 185 -10.09 -6.14 33.39
CA PHE B 185 -11.03 -5.80 34.44
C PHE B 185 -11.29 -7.00 35.33
N LEU B 186 -11.17 -6.79 36.65
CA LEU B 186 -11.63 -7.78 37.61
C LEU B 186 -13.10 -7.57 37.97
N ASP B 187 -13.49 -6.32 38.18
CA ASP B 187 -14.87 -5.96 38.48
C ASP B 187 -15.03 -4.47 38.17
N ASP B 188 -16.15 -3.89 38.60
CA ASP B 188 -16.45 -2.49 38.31
C ASP B 188 -15.61 -1.51 39.12
N ASN B 189 -14.85 -1.98 40.10
CA ASN B 189 -14.09 -1.06 40.95
C ASN B 189 -12.60 -1.37 40.93
N GLN B 190 -12.22 -2.53 40.43
CA GLN B 190 -10.83 -2.96 40.37
C GLN B 190 -10.44 -3.28 38.93
N ILE B 191 -9.27 -2.77 38.52
CA ILE B 191 -8.75 -2.99 37.18
C ILE B 191 -7.26 -3.34 37.29
N VAL B 192 -6.84 -4.36 36.55
CA VAL B 192 -5.43 -4.76 36.50
C VAL B 192 -4.76 -4.06 35.33
N THR B 193 -3.54 -3.58 35.54
CA THR B 193 -2.85 -2.74 34.57
C THR B 193 -1.45 -3.29 34.30
N SER B 194 -1.09 -3.35 33.02
CA SER B 194 0.22 -3.79 32.58
C SER B 194 0.86 -2.69 31.74
N SER B 195 2.11 -2.35 32.07
CA SER B 195 2.83 -1.29 31.38
C SER B 195 4.24 -1.76 31.05
N GLY B 196 4.97 -0.89 30.36
CA GLY B 196 6.35 -1.14 29.99
C GLY B 196 7.37 -0.81 31.05
N ASP B 197 6.93 -0.42 32.25
CA ASP B 197 7.80 -0.09 33.36
C ASP B 197 8.34 -1.32 34.08
N THR B 198 8.25 -2.50 33.47
CA THR B 198 8.65 -3.78 34.06
C THR B 198 7.88 -4.08 35.34
N THR B 199 6.79 -3.38 35.59
CA THR B 199 5.99 -3.58 36.80
C THR B 199 4.51 -3.52 36.43
N CYS B 200 3.71 -4.26 37.19
CA CYS B 200 2.26 -4.22 37.08
C CYS B 200 1.67 -3.60 38.35
N ALA B 201 0.40 -3.23 38.27
CA ALA B 201 -0.25 -2.58 39.40
C ALA B 201 -1.74 -2.86 39.36
N LEU B 202 -2.35 -2.93 40.54
CA LEU B 202 -3.80 -3.07 40.69
C LEU B 202 -4.36 -1.72 41.09
N TRP B 203 -5.28 -1.19 40.30
CA TRP B 203 -5.83 0.14 40.49
C TRP B 203 -7.24 0.06 41.05
N ASP B 204 -7.57 1.01 41.92
CA ASP B 204 -8.92 1.15 42.47
C ASP B 204 -9.64 2.22 41.66
N ILE B 205 -10.83 1.89 41.18
CA ILE B 205 -11.56 2.81 40.30
C ILE B 205 -11.94 4.08 41.06
N GLU B 206 -12.55 3.92 42.24
CA GLU B 206 -13.02 5.08 42.99
C GLU B 206 -11.85 5.90 43.54
N THR B 207 -10.88 5.23 44.15
CA THR B 207 -9.73 5.94 44.72
C THR B 207 -8.83 6.53 43.63
N GLY B 208 -8.62 5.80 42.55
CA GLY B 208 -7.73 6.25 41.50
C GLY B 208 -6.26 6.14 41.84
N GLN B 209 -5.92 5.31 42.82
CA GLN B 209 -4.54 5.12 43.26
C GLN B 209 -4.19 3.64 43.18
N GLN B 210 -2.89 3.36 43.08
CA GLN B 210 -2.41 2.00 42.99
C GLN B 210 -2.58 1.29 44.32
N THR B 211 -3.45 0.27 44.36
CA THR B 211 -3.62 -0.51 45.58
C THR B 211 -2.37 -1.34 45.88
N THR B 212 -1.86 -2.04 44.87
CA THR B 212 -0.66 -2.85 45.03
C THR B 212 0.24 -2.64 43.81
N THR B 213 1.53 -2.82 44.02
CA THR B 213 2.53 -2.70 42.95
C THR B 213 3.18 -4.07 42.76
N PHE B 214 3.16 -4.57 41.54
CA PHE B 214 3.71 -5.88 41.20
C PHE B 214 5.09 -5.66 40.60
N THR B 215 6.13 -5.98 41.38
CA THR B 215 7.51 -5.75 40.99
C THR B 215 8.27 -7.06 40.93
N GLY B 216 9.20 -7.17 39.98
CA GLY B 216 9.99 -8.36 39.83
C GLY B 216 10.38 -8.69 38.40
N HIS B 217 9.66 -8.12 37.44
CA HIS B 217 10.03 -8.31 36.04
C HIS B 217 11.20 -7.40 35.68
N THR B 218 11.98 -7.86 34.70
CA THR B 218 13.14 -7.11 34.21
C THR B 218 12.91 -6.43 32.88
N GLY B 219 12.05 -6.99 32.02
CA GLY B 219 11.73 -6.41 30.74
C GLY B 219 10.33 -5.82 30.72
N ASP B 220 9.99 -5.21 29.59
CA ASP B 220 8.69 -4.59 29.44
C ASP B 220 7.60 -5.65 29.44
N VAL B 221 6.57 -5.44 30.27
CA VAL B 221 5.46 -6.38 30.37
C VAL B 221 4.51 -6.12 29.21
N MET B 222 4.20 -7.18 28.45
CA MET B 222 3.42 -7.01 27.23
C MET B 222 1.93 -7.21 27.49
N SER B 223 1.55 -8.36 28.05
CA SER B 223 0.13 -8.65 28.25
C SER B 223 -0.02 -9.55 29.46
N LEU B 224 -1.23 -9.57 30.01
CA LEU B 224 -1.59 -10.42 31.13
C LEU B 224 -2.96 -11.02 30.88
N SER B 225 -3.24 -12.12 31.57
CA SER B 225 -4.53 -12.79 31.46
C SER B 225 -5.03 -13.14 32.85
N LEU B 226 -6.33 -12.95 33.07
CA LEU B 226 -6.95 -13.22 34.36
C LEU B 226 -7.50 -14.64 34.40
N ALA B 227 -7.31 -15.31 35.53
CA ALA B 227 -7.85 -16.64 35.72
C ALA B 227 -9.37 -16.60 35.83
N PRO B 228 -10.05 -17.70 35.53
CA PRO B 228 -11.52 -17.71 35.60
C PRO B 228 -12.07 -17.36 36.97
N ASP B 229 -11.34 -17.68 38.04
CA ASP B 229 -11.79 -17.37 39.40
C ASP B 229 -11.44 -15.94 39.82
N THR B 230 -10.76 -15.18 38.95
CA THR B 230 -10.32 -13.81 39.25
C THR B 230 -9.56 -13.75 40.57
N ARG B 231 -8.67 -14.72 40.77
CA ARG B 231 -7.87 -14.81 41.99
C ARG B 231 -6.39 -14.58 41.71
N LEU B 232 -5.81 -15.30 40.76
CA LEU B 232 -4.42 -15.14 40.37
C LEU B 232 -4.35 -14.76 38.90
N PHE B 233 -3.29 -14.05 38.53
CA PHE B 233 -3.06 -13.66 37.15
C PHE B 233 -1.57 -13.75 36.83
N VAL B 234 -1.27 -14.03 35.57
CA VAL B 234 0.10 -14.13 35.09
C VAL B 234 0.30 -13.11 33.98
N SER B 235 1.54 -12.66 33.83
CA SER B 235 1.89 -11.65 32.83
C SER B 235 3.24 -11.98 32.23
N GLY B 236 3.35 -11.81 30.92
CA GLY B 236 4.59 -12.02 30.20
C GLY B 236 5.33 -10.72 29.98
N ALA B 237 6.66 -10.78 30.05
CA ALA B 237 7.52 -9.61 29.90
C ALA B 237 8.49 -9.83 28.76
N CYS B 238 9.21 -8.76 28.41
CA CYS B 238 10.18 -8.83 27.33
C CYS B 238 11.52 -9.33 27.86
N ASP B 239 11.50 -10.45 28.58
CA ASP B 239 12.73 -11.06 29.09
C ASP B 239 12.71 -12.59 29.01
N ALA B 240 11.88 -13.16 28.13
CA ALA B 240 11.78 -14.61 27.95
C ALA B 240 11.45 -15.32 29.26
N SER B 241 10.56 -14.72 30.05
CA SER B 241 10.12 -15.33 31.30
C SER B 241 8.69 -14.90 31.59
N ALA B 242 8.01 -15.69 32.41
CA ALA B 242 6.65 -15.43 32.85
C ALA B 242 6.57 -15.63 34.36
N LYS B 243 5.70 -14.86 35.00
CA LYS B 243 5.56 -14.87 36.45
C LYS B 243 4.09 -15.03 36.85
N LEU B 244 3.88 -15.70 37.98
CA LEU B 244 2.56 -15.86 38.57
C LEU B 244 2.39 -14.85 39.69
N TRP B 245 1.32 -14.06 39.62
CA TRP B 245 1.05 -13.02 40.59
C TRP B 245 -0.24 -13.31 41.34
N ASP B 246 -0.34 -12.74 42.55
CA ASP B 246 -1.53 -12.86 43.38
C ASP B 246 -2.03 -11.46 43.70
N VAL B 247 -3.29 -11.19 43.35
CA VAL B 247 -3.84 -9.86 43.57
C VAL B 247 -4.05 -9.55 45.04
N ARG B 248 -4.18 -10.57 45.89
CA ARG B 248 -4.42 -10.34 47.30
C ARG B 248 -3.12 -10.06 48.04
N GLU B 249 -2.07 -10.84 47.78
CA GLU B 249 -0.81 -10.68 48.47
C GLU B 249 0.17 -9.78 47.74
N GLY B 250 0.11 -9.73 46.42
CA GLY B 250 1.00 -8.87 45.66
C GLY B 250 2.43 -9.34 45.60
N MET B 251 2.66 -10.66 45.63
CA MET B 251 4.01 -11.20 45.57
C MET B 251 4.04 -12.35 44.56
N CYS B 252 5.23 -12.58 44.01
CA CYS B 252 5.41 -13.65 43.04
C CYS B 252 5.26 -15.01 43.70
N ARG B 253 4.72 -15.96 42.94
CA ARG B 253 4.58 -17.34 43.40
C ARG B 253 5.35 -18.33 42.53
N GLN B 254 5.25 -18.23 41.21
CA GLN B 254 5.90 -19.16 40.30
C GLN B 254 6.53 -18.37 39.17
N THR B 255 7.63 -18.93 38.62
CA THR B 255 8.34 -18.31 37.53
C THR B 255 8.66 -19.35 36.47
N PHE B 256 8.43 -18.99 35.21
CA PHE B 256 8.66 -19.87 34.08
C PHE B 256 9.58 -19.16 33.09
N THR B 257 10.69 -19.81 32.75
CA THR B 257 11.69 -19.23 31.85
C THR B 257 11.97 -20.18 30.69
N GLY B 258 10.92 -20.79 30.14
CA GLY B 258 11.10 -21.74 29.05
C GLY B 258 11.35 -21.12 27.69
N HIS B 259 10.91 -19.88 27.49
CA HIS B 259 11.02 -19.25 26.18
C HIS B 259 12.43 -18.74 25.92
N GLU B 260 12.71 -18.42 24.66
CA GLU B 260 14.01 -17.92 24.25
C GLU B 260 14.01 -16.45 23.85
N SER B 261 12.86 -15.88 23.51
CA SER B 261 12.76 -14.49 23.10
C SER B 261 11.66 -13.82 23.92
N ASP B 262 11.41 -12.55 23.65
CA ASP B 262 10.43 -11.79 24.42
C ASP B 262 9.03 -12.33 24.18
N ILE B 263 8.30 -12.55 25.27
CA ILE B 263 6.94 -13.07 25.20
C ILE B 263 5.99 -11.95 24.84
N ASN B 264 5.20 -12.14 23.77
CA ASN B 264 4.31 -11.10 23.28
C ASN B 264 2.90 -11.26 23.85
N ALA B 265 2.33 -12.46 23.79
CA ALA B 265 0.97 -12.72 24.22
C ALA B 265 0.94 -13.85 25.25
N ILE B 266 -0.12 -13.85 26.05
CA ILE B 266 -0.28 -14.86 27.10
C ILE B 266 -1.77 -14.98 27.40
N CYS B 267 -2.20 -16.20 27.69
CA CYS B 267 -3.61 -16.48 27.94
C CYS B 267 -3.75 -17.65 28.90
N PHE B 268 -4.77 -17.58 29.76
CA PHE B 268 -5.02 -18.62 30.74
C PHE B 268 -5.82 -19.77 30.14
N PHE B 269 -5.52 -20.98 30.58
CA PHE B 269 -6.35 -22.12 30.24
C PHE B 269 -7.72 -21.96 30.91
N PRO B 270 -8.80 -22.40 30.26
CA PRO B 270 -10.14 -22.23 30.87
C PRO B 270 -10.31 -22.94 32.20
N ASN B 271 -9.51 -23.97 32.49
CA ASN B 271 -9.57 -24.66 33.77
C ASN B 271 -8.83 -23.95 34.89
N GLY B 272 -7.98 -22.96 34.56
CA GLY B 272 -7.26 -22.20 35.55
C GLY B 272 -5.98 -22.84 36.06
N ASN B 273 -5.57 -23.97 35.49
CA ASN B 273 -4.38 -24.67 35.94
C ASN B 273 -3.22 -24.58 34.96
N ALA B 274 -3.41 -23.96 33.80
CA ALA B 274 -2.36 -23.84 32.80
C ALA B 274 -2.49 -22.51 32.08
N PHE B 275 -1.48 -22.20 31.26
CA PHE B 275 -1.50 -20.99 30.45
C PHE B 275 -0.48 -21.13 29.34
N ALA B 276 -0.81 -20.60 28.16
CA ALA B 276 0.06 -20.64 27.00
C ALA B 276 0.75 -19.29 26.80
N THR B 277 1.87 -19.32 26.09
CA THR B 277 2.68 -18.14 25.86
C THR B 277 3.08 -18.06 24.40
N GLY B 278 3.21 -16.85 23.90
CA GLY B 278 3.67 -16.60 22.54
C GLY B 278 4.80 -15.59 22.55
N SER B 279 5.85 -15.88 21.77
CA SER B 279 7.05 -15.05 21.74
C SER B 279 7.46 -14.80 20.30
N ASP B 280 8.57 -14.06 20.14
CA ASP B 280 9.03 -13.67 18.81
C ASP B 280 9.84 -14.75 18.12
N ASP B 281 10.20 -15.83 18.82
CA ASP B 281 11.01 -16.89 18.23
C ASP B 281 10.18 -17.96 17.53
N ALA B 282 8.97 -17.63 17.10
CA ALA B 282 8.08 -18.46 16.29
C ALA B 282 7.59 -19.72 16.99
N THR B 283 7.75 -19.83 18.30
CA THR B 283 7.31 -21.01 19.05
C THR B 283 6.28 -20.63 20.10
N CYS B 284 5.42 -21.59 20.43
CA CYS B 284 4.42 -21.43 21.47
C CYS B 284 4.64 -22.48 22.55
N ARG B 285 4.53 -22.07 23.81
CA ARG B 285 4.78 -22.93 24.95
C ARG B 285 3.60 -22.92 25.90
N LEU B 286 3.28 -24.10 26.44
CA LEU B 286 2.20 -24.26 27.42
C LEU B 286 2.83 -24.62 28.77
N PHE B 287 2.49 -23.84 29.79
CA PHE B 287 3.01 -24.05 31.14
C PHE B 287 1.86 -24.38 32.08
N ASP B 288 2.14 -25.23 33.06
CA ASP B 288 1.16 -25.62 34.07
C ASP B 288 1.66 -25.13 35.42
N LEU B 289 0.73 -24.66 36.26
CA LEU B 289 1.13 -24.11 37.57
C LEU B 289 1.65 -25.19 38.49
N ARG B 290 0.95 -26.32 38.60
CA ARG B 290 1.37 -27.37 39.53
C ARG B 290 2.71 -27.98 39.10
N ALA B 291 2.88 -28.23 37.80
CA ALA B 291 4.13 -28.81 37.32
C ALA B 291 5.28 -27.80 37.36
N ASP B 292 4.97 -26.51 37.30
CA ASP B 292 5.97 -25.43 37.33
C ASP B 292 6.92 -25.49 36.13
N GLN B 293 6.57 -26.22 35.09
CA GLN B 293 7.42 -26.32 33.91
C GLN B 293 6.56 -26.55 32.68
N GLU B 294 7.20 -26.43 31.52
CA GLU B 294 6.52 -26.60 30.25
C GLU B 294 6.04 -28.03 30.06
N LEU B 295 4.94 -28.20 29.32
CA LEU B 295 4.46 -29.53 28.96
C LEU B 295 4.93 -29.94 27.58
N MET B 296 4.80 -29.06 26.59
CA MET B 296 5.40 -29.26 25.27
C MET B 296 5.50 -27.90 24.60
N THR B 297 6.07 -27.89 23.40
CA THR B 297 6.23 -26.69 22.61
C THR B 297 5.56 -26.87 21.26
N TYR B 298 5.02 -25.77 20.74
CA TYR B 298 4.44 -25.73 19.41
C TYR B 298 5.34 -24.95 18.48
N SER B 299 5.85 -25.62 17.44
CA SER B 299 6.73 -24.98 16.48
C SER B 299 6.72 -25.82 15.21
N HIS B 300 7.08 -25.16 14.09
CA HIS B 300 7.13 -25.85 12.81
C HIS B 300 8.16 -25.11 11.93
N ASP B 301 8.72 -25.84 10.96
CA ASP B 301 9.92 -25.40 10.28
C ASP B 301 9.70 -24.19 9.37
N ASN B 302 8.55 -24.11 8.69
CA ASN B 302 8.30 -23.00 7.78
C ASN B 302 7.98 -21.69 8.49
N ILE B 303 7.56 -21.77 9.74
CA ILE B 303 7.25 -20.61 10.56
C ILE B 303 8.58 -20.04 11.06
N ILE B 304 8.84 -18.78 10.71
CA ILE B 304 10.08 -18.11 11.09
C ILE B 304 9.72 -16.81 11.80
N CYS B 305 8.43 -16.52 11.91
CA CYS B 305 7.95 -15.27 12.48
C CYS B 305 7.24 -15.56 13.80
N GLY B 306 7.33 -14.60 14.72
CA GLY B 306 6.80 -14.78 16.06
C GLY B 306 5.30 -14.70 16.13
N ILE B 307 4.78 -14.87 17.34
CA ILE B 307 3.35 -14.89 17.61
C ILE B 307 2.97 -13.59 18.31
N THR B 308 1.89 -12.97 17.85
CA THR B 308 1.41 -11.71 18.41
C THR B 308 0.25 -11.88 19.37
N SER B 309 -0.70 -12.79 19.09
CA SER B 309 -1.82 -13.01 19.97
C SER B 309 -2.06 -14.50 20.10
N VAL B 310 -2.63 -14.91 21.24
CA VAL B 310 -2.90 -16.31 21.51
C VAL B 310 -4.08 -16.41 22.48
N SER B 311 -4.92 -17.41 22.28
CA SER B 311 -6.06 -17.64 23.15
C SER B 311 -6.52 -19.09 23.02
N PHE B 312 -7.28 -19.54 24.01
CA PHE B 312 -7.83 -20.89 24.04
C PHE B 312 -9.31 -20.87 23.68
N SER B 313 -9.84 -22.05 23.36
CA SER B 313 -11.26 -22.22 23.13
C SER B 313 -11.99 -22.46 24.45
N LYS B 314 -13.30 -22.69 24.36
CA LYS B 314 -14.07 -22.94 25.57
C LYS B 314 -13.65 -24.25 26.24
N SER B 315 -13.48 -25.31 25.44
CA SER B 315 -13.05 -26.59 25.99
C SER B 315 -11.55 -26.63 26.24
N GLY B 316 -10.80 -25.74 25.60
CA GLY B 316 -9.36 -25.72 25.73
C GLY B 316 -8.62 -26.66 24.82
N ARG B 317 -9.32 -27.45 24.01
CA ARG B 317 -8.67 -28.39 23.11
C ARG B 317 -7.96 -27.68 21.96
N LEU B 318 -8.51 -26.56 21.50
CA LEU B 318 -7.94 -25.79 20.39
C LEU B 318 -7.20 -24.58 20.94
N LEU B 319 -5.98 -24.37 20.43
CA LEU B 319 -5.14 -23.23 20.80
C LEU B 319 -4.92 -22.39 19.55
N LEU B 320 -5.54 -21.21 19.51
CA LEU B 320 -5.42 -20.31 18.36
C LEU B 320 -4.34 -19.27 18.65
N ALA B 321 -3.32 -19.23 17.80
CA ALA B 321 -2.20 -18.31 17.95
C ALA B 321 -2.05 -17.49 16.68
N GLY B 322 -2.06 -16.16 16.83
CA GLY B 322 -1.91 -15.27 15.70
C GLY B 322 -0.46 -15.01 15.34
N TYR B 323 -0.02 -15.52 14.20
CA TYR B 323 1.36 -15.36 13.76
C TYR B 323 1.53 -14.10 12.93
N ASP B 324 2.78 -13.69 12.76
CA ASP B 324 3.11 -12.47 12.02
C ASP B 324 3.03 -12.64 10.52
N ASP B 325 2.91 -13.87 10.02
CA ASP B 325 2.86 -14.11 8.57
C ASP B 325 1.46 -13.95 7.99
N PHE B 326 0.81 -12.83 8.31
CA PHE B 326 -0.43 -12.39 7.67
C PHE B 326 -1.59 -13.36 7.85
N ASN B 327 -1.49 -14.32 8.76
CA ASN B 327 -2.60 -15.24 9.02
C ASN B 327 -2.41 -15.86 10.39
N CYS B 328 -3.42 -16.63 10.80
CA CYS B 328 -3.44 -17.28 12.11
C CYS B 328 -3.45 -18.80 11.92
N ASN B 329 -2.87 -19.50 12.88
CA ASN B 329 -2.79 -20.96 12.86
C ASN B 329 -3.44 -21.52 14.10
N VAL B 330 -4.16 -22.64 13.93
CA VAL B 330 -4.82 -23.32 15.03
C VAL B 330 -3.99 -24.55 15.41
N TRP B 331 -3.61 -24.64 16.67
CA TRP B 331 -2.80 -25.73 17.19
C TRP B 331 -3.60 -26.57 18.16
N ASP B 332 -3.40 -27.88 18.09
CA ASP B 332 -4.01 -28.81 19.04
C ASP B 332 -3.31 -28.65 20.38
N ALA B 333 -4.11 -28.49 21.45
CA ALA B 333 -3.55 -28.28 22.78
C ALA B 333 -3.11 -29.58 23.44
N LEU B 334 -3.37 -30.73 22.82
CA LEU B 334 -2.93 -32.02 23.33
C LEU B 334 -2.01 -32.76 22.38
N LYS B 335 -2.29 -32.74 21.08
CA LYS B 335 -1.47 -33.43 20.09
C LYS B 335 -0.37 -32.55 19.52
N ALA B 336 -0.51 -31.22 19.59
CA ALA B 336 0.46 -30.26 19.11
C ALA B 336 0.67 -30.32 17.59
N ASP B 337 -0.32 -30.79 16.85
CA ASP B 337 -0.28 -30.70 15.40
C ASP B 337 -1.13 -29.54 14.90
N ARG B 338 -0.94 -29.19 13.62
CA ARG B 338 -1.67 -28.09 13.02
C ARG B 338 -3.10 -28.53 12.70
N ALA B 339 -4.07 -27.76 13.17
CA ALA B 339 -5.47 -28.07 12.93
C ALA B 339 -6.10 -27.27 11.80
N GLY B 340 -5.60 -26.08 11.52
CA GLY B 340 -6.15 -25.27 10.45
C GLY B 340 -5.41 -23.97 10.32
N VAL B 341 -5.76 -23.21 9.28
CA VAL B 341 -5.14 -21.93 8.99
C VAL B 341 -6.24 -20.90 8.76
N LEU B 342 -6.17 -19.78 9.46
CA LEU B 342 -7.13 -18.69 9.30
C LEU B 342 -6.47 -17.57 8.49
N ALA B 343 -6.55 -17.73 7.17
CA ALA B 343 -5.97 -16.77 6.25
C ALA B 343 -7.03 -15.80 5.73
N GLY B 344 -6.57 -14.64 5.28
CA GLY B 344 -7.47 -13.62 4.78
C GLY B 344 -7.05 -12.21 5.13
N HIS B 345 -6.03 -12.07 5.97
CA HIS B 345 -5.52 -10.78 6.40
C HIS B 345 -4.31 -10.39 5.55
N ASP B 346 -4.30 -9.15 5.08
CA ASP B 346 -3.19 -8.64 4.30
C ASP B 346 -2.00 -8.19 5.14
N ASN B 347 -2.18 -8.04 6.44
CA ASN B 347 -1.12 -7.59 7.32
C ASN B 347 -1.08 -8.48 8.55
N ARG B 348 -0.09 -8.23 9.41
CA ARG B 348 0.08 -9.04 10.62
C ARG B 348 -1.14 -8.89 11.53
N VAL B 349 -1.58 -10.01 12.09
CA VAL B 349 -2.66 -10.00 13.05
C VAL B 349 -2.12 -9.55 14.40
N SER B 350 -2.74 -8.52 14.97
CA SER B 350 -2.25 -7.93 16.21
C SER B 350 -3.03 -8.38 17.43
N CYS B 351 -4.23 -8.92 17.25
CA CYS B 351 -5.08 -9.31 18.37
C CYS B 351 -5.99 -10.44 17.95
N LEU B 352 -6.37 -11.26 18.94
CA LEU B 352 -7.25 -12.39 18.71
C LEU B 352 -8.09 -12.60 19.97
N GLY B 353 -9.34 -13.01 19.77
CA GLY B 353 -10.24 -13.21 20.89
C GLY B 353 -11.30 -14.26 20.65
N VAL B 354 -11.59 -15.05 21.68
CA VAL B 354 -12.61 -16.10 21.63
C VAL B 354 -13.70 -15.75 22.62
N THR B 355 -14.96 -15.89 22.19
CA THR B 355 -16.08 -15.57 23.06
C THR B 355 -16.16 -16.52 24.24
N ASP B 356 -16.89 -16.09 25.27
CA ASP B 356 -17.01 -16.90 26.49
C ASP B 356 -17.71 -18.21 26.25
N ASP B 357 -18.57 -18.29 25.23
CA ASP B 357 -19.26 -19.53 24.88
C ASP B 357 -18.61 -20.27 23.72
N GLY B 358 -17.54 -19.72 23.15
CA GLY B 358 -16.86 -20.39 22.05
C GLY B 358 -17.63 -20.45 20.75
N MET B 359 -18.62 -19.58 20.58
CA MET B 359 -19.44 -19.63 19.37
C MET B 359 -18.68 -19.15 18.15
N ALA B 360 -17.77 -18.19 18.31
CA ALA B 360 -17.04 -17.65 17.18
C ALA B 360 -15.71 -17.08 17.68
N VAL B 361 -14.80 -16.84 16.74
CA VAL B 361 -13.51 -16.23 17.02
C VAL B 361 -13.32 -15.04 16.09
N ALA B 362 -12.95 -13.91 16.67
CA ALA B 362 -12.73 -12.68 15.91
C ALA B 362 -11.26 -12.29 16.01
N THR B 363 -10.67 -11.95 14.86
CA THR B 363 -9.26 -11.58 14.78
C THR B 363 -9.14 -10.20 14.18
N GLY B 364 -8.26 -9.38 14.75
CA GLY B 364 -7.99 -8.05 14.25
C GLY B 364 -6.54 -7.89 13.85
N SER B 365 -6.31 -7.31 12.69
CA SER B 365 -4.97 -7.13 12.14
C SER B 365 -4.74 -5.66 11.83
N TRP B 366 -3.61 -5.38 11.18
CA TRP B 366 -3.21 -4.02 10.87
C TRP B 366 -3.85 -3.47 9.59
N ASP B 367 -4.65 -4.27 8.88
CA ASP B 367 -5.34 -3.76 7.70
C ASP B 367 -6.65 -3.06 8.02
N SER B 368 -6.88 -2.72 9.29
CA SER B 368 -8.08 -2.03 9.76
C SER B 368 -9.35 -2.83 9.52
N PHE B 369 -9.24 -4.16 9.42
CA PHE B 369 -10.37 -5.04 9.18
C PHE B 369 -10.45 -6.08 10.28
N LEU B 370 -11.67 -6.37 10.72
CA LEU B 370 -11.93 -7.38 11.73
C LEU B 370 -12.67 -8.55 11.08
N LYS B 371 -12.14 -9.75 11.25
CA LYS B 371 -12.72 -10.96 10.67
C LYS B 371 -13.23 -11.86 11.79
N ILE B 372 -14.50 -12.25 11.70
CA ILE B 372 -15.11 -13.16 12.66
C ILE B 372 -15.22 -14.53 12.01
N TRP B 373 -14.70 -15.55 12.70
CA TRP B 373 -14.63 -16.90 12.17
C TRP B 373 -15.55 -17.83 12.95
N ASN B 374 -16.16 -18.77 12.23
CA ASN B 374 -17.04 -19.76 12.83
C ASN B 374 -16.99 -21.02 11.99
N GLY B 375 -17.34 -22.14 12.62
CA GLY B 375 -17.33 -23.43 11.95
C GLY B 375 -18.63 -23.69 11.21
N SER B 376 -18.69 -24.88 10.62
CA SER B 376 -19.87 -25.31 9.87
C SER B 376 -20.02 -26.81 10.01
N SER B 377 -21.27 -27.27 9.94
CA SER B 377 -21.56 -28.69 10.08
C SER B 377 -21.03 -29.49 8.89
N THR C 6 28.21 0.51 46.03
CA THR C 6 27.10 0.62 45.09
C THR C 6 25.80 0.15 45.71
N ALA C 7 24.68 0.50 45.08
CA ALA C 7 23.36 0.11 45.56
C ALA C 7 22.88 -1.20 44.98
N SER C 8 23.69 -1.89 44.17
CA SER C 8 23.29 -3.15 43.57
C SER C 8 23.19 -4.28 44.58
N ILE C 9 23.67 -4.09 45.80
CA ILE C 9 23.58 -5.13 46.82
C ILE C 9 22.12 -5.44 47.16
N ALA C 10 21.28 -4.39 47.21
CA ALA C 10 19.88 -4.60 47.53
C ALA C 10 19.18 -5.43 46.46
N GLN C 11 19.52 -5.19 45.19
CA GLN C 11 18.94 -5.99 44.11
C GLN C 11 19.30 -7.46 44.25
N ALA C 12 20.57 -7.75 44.55
CA ALA C 12 20.99 -9.13 44.74
C ALA C 12 20.29 -9.77 45.94
N ARG C 13 20.15 -9.01 47.03
CA ARG C 13 19.47 -9.53 48.21
C ARG C 13 18.01 -9.86 47.91
N LYS C 14 17.33 -8.97 47.18
CA LYS C 14 15.94 -9.22 46.82
C LYS C 14 15.82 -10.40 45.87
N LEU C 15 16.75 -10.55 44.93
CA LEU C 15 16.73 -11.71 44.04
C LEU C 15 16.93 -13.00 44.83
N VAL C 16 17.85 -12.98 45.80
CA VAL C 16 18.08 -14.15 46.63
C VAL C 16 16.82 -14.49 47.43
N GLU C 17 16.16 -13.47 48.00
CA GLU C 17 14.95 -13.70 48.76
C GLU C 17 13.85 -14.28 47.88
N GLN C 18 13.69 -13.76 46.66
CA GLN C 18 12.68 -14.27 45.74
C GLN C 18 12.97 -15.72 45.35
N LEU C 19 14.24 -16.03 45.08
CA LEU C 19 14.60 -17.40 44.73
C LEU C 19 14.35 -18.34 45.90
N LYS C 20 14.65 -17.91 47.13
CA LYS C 20 14.39 -18.74 48.30
C LYS C 20 12.89 -18.95 48.49
N MET C 21 12.09 -17.91 48.27
CA MET C 21 10.64 -18.06 48.38
C MET C 21 10.13 -19.06 47.34
N GLU C 22 10.59 -18.93 46.11
CA GLU C 22 10.18 -19.85 45.05
C GLU C 22 10.67 -21.28 45.29
N ALA C 23 11.78 -21.44 46.01
CA ALA C 23 12.32 -22.78 46.23
C ALA C 23 11.39 -23.61 47.11
N ASN C 24 10.78 -23.00 48.12
CA ASN C 24 9.94 -23.73 49.07
C ASN C 24 8.48 -23.66 48.63
N ILE C 25 8.20 -24.34 47.53
CA ILE C 25 6.85 -24.47 46.99
C ILE C 25 6.58 -25.93 46.69
N ASP C 26 5.29 -26.29 46.66
CA ASP C 26 4.90 -27.65 46.34
C ASP C 26 4.82 -27.85 44.83
N ARG C 27 5.26 -29.02 44.38
CA ARG C 27 5.26 -29.36 42.97
C ARG C 27 4.60 -30.72 42.77
N ILE C 28 3.99 -30.89 41.60
CA ILE C 28 3.26 -32.11 41.25
C ILE C 28 3.93 -32.73 40.03
N LYS C 29 3.87 -34.06 39.96
CA LYS C 29 4.46 -34.79 38.85
C LYS C 29 3.78 -34.44 37.54
N VAL C 30 4.55 -34.46 36.46
CA VAL C 30 4.00 -34.16 35.14
C VAL C 30 2.98 -35.19 34.70
N SER C 31 3.03 -36.40 35.26
CA SER C 31 2.04 -37.42 34.92
C SER C 31 0.64 -36.98 35.34
N LYS C 32 0.51 -36.42 36.55
CA LYS C 32 -0.79 -35.91 36.99
C LYS C 32 -1.18 -34.65 36.24
N ALA C 33 -0.20 -33.82 35.88
CA ALA C 33 -0.50 -32.61 35.11
C ALA C 33 -1.06 -32.96 33.74
N ALA C 34 -0.53 -34.01 33.11
CA ALA C 34 -1.00 -34.43 31.79
C ALA C 34 -2.45 -34.90 31.86
N ALA C 35 -2.80 -35.67 32.89
CA ALA C 35 -4.14 -36.22 32.99
C ALA C 35 -5.17 -35.14 33.28
N ASP C 36 -4.80 -34.11 34.03
CA ASP C 36 -5.74 -33.04 34.37
C ASP C 36 -6.21 -32.31 33.13
N LEU C 37 -5.29 -31.98 32.23
CA LEU C 37 -5.67 -31.30 30.99
C LEU C 37 -6.37 -32.24 30.03
N MET C 38 -5.99 -33.52 30.02
CA MET C 38 -6.63 -34.47 29.13
C MET C 38 -8.11 -34.66 29.49
N ALA C 39 -8.40 -34.78 30.79
CA ALA C 39 -9.78 -35.01 31.22
C ALA C 39 -10.65 -33.77 31.00
N TYR C 40 -10.11 -32.59 31.27
CA TYR C 40 -10.89 -31.36 31.15
C TYR C 40 -11.32 -31.12 29.71
N CYS C 41 -10.40 -31.30 28.76
CA CYS C 41 -10.73 -31.12 27.35
C CYS C 41 -11.74 -32.15 26.88
N GLU C 42 -11.58 -33.41 27.30
CA GLU C 42 -12.50 -34.46 26.90
C GLU C 42 -13.91 -34.23 27.46
N ALA C 43 -14.00 -33.77 28.70
CA ALA C 43 -15.31 -33.58 29.32
C ALA C 43 -16.10 -32.47 28.61
N HIS C 44 -15.42 -31.39 28.23
CA HIS C 44 -16.07 -30.25 27.61
C HIS C 44 -15.96 -30.26 26.09
N ALA C 45 -15.48 -31.36 25.50
CA ALA C 45 -15.36 -31.43 24.04
C ALA C 45 -16.72 -31.35 23.38
N LYS C 46 -17.73 -32.01 23.95
CA LYS C 46 -19.07 -31.98 23.37
C LYS C 46 -19.68 -30.59 23.43
N GLU C 47 -19.35 -29.80 24.46
CA GLU C 47 -19.91 -28.48 24.65
C GLU C 47 -19.10 -27.39 23.94
N ASP C 48 -18.11 -27.77 23.13
CA ASP C 48 -17.28 -26.80 22.44
C ASP C 48 -17.81 -26.59 21.02
N PRO C 49 -18.35 -25.42 20.69
CA PRO C 49 -18.80 -25.19 19.31
C PRO C 49 -17.68 -25.28 18.29
N LEU C 50 -16.45 -24.93 18.67
CA LEU C 50 -15.33 -24.98 17.75
C LEU C 50 -14.93 -26.42 17.43
N LEU C 51 -14.82 -27.27 18.46
CA LEU C 51 -14.49 -28.68 18.23
C LEU C 51 -15.66 -29.41 17.59
N THR C 52 -16.86 -29.22 18.10
CA THR C 52 -18.06 -29.86 17.55
C THR C 52 -18.91 -28.81 16.86
N PRO C 53 -18.95 -28.79 15.52
CA PRO C 53 -19.70 -27.75 14.82
C PRO C 53 -21.19 -27.75 15.14
N VAL C 54 -21.69 -26.65 15.66
CA VAL C 54 -23.10 -26.48 15.98
C VAL C 54 -23.88 -26.43 14.67
N PRO C 55 -25.08 -27.02 14.59
CA PRO C 55 -25.90 -26.87 13.39
C PRO C 55 -26.22 -25.41 13.09
N ALA C 56 -26.36 -25.11 11.81
CA ALA C 56 -26.59 -23.73 11.38
C ALA C 56 -27.88 -23.16 11.95
N SER C 57 -28.85 -24.03 12.27
CA SER C 57 -30.09 -23.55 12.86
C SER C 57 -29.85 -22.90 14.22
N GLU C 58 -29.00 -23.52 15.04
CA GLU C 58 -28.69 -22.97 16.35
C GLU C 58 -27.55 -21.96 16.31
N ASN C 59 -26.82 -21.88 15.19
CA ASN C 59 -25.69 -20.97 15.08
C ASN C 59 -26.19 -19.55 14.85
N PRO C 60 -25.89 -18.60 15.73
CA PRO C 60 -26.31 -17.20 15.47
C PRO C 60 -25.59 -16.56 14.31
N PHE C 61 -24.43 -17.07 13.91
CA PHE C 61 -23.67 -16.51 12.79
C PHE C 61 -24.05 -17.23 11.50
N ARG C 62 -25.23 -16.87 10.99
CA ARG C 62 -25.75 -17.44 9.76
C ARG C 62 -24.90 -17.03 8.57
N GLN D 3 16.69 -21.66 30.64
CA GLN D 3 16.78 -20.22 30.77
C GLN D 3 17.93 -19.67 29.92
N VAL D 4 17.67 -18.57 29.20
CA VAL D 4 18.70 -17.96 28.38
C VAL D 4 19.70 -17.23 29.27
N GLN D 5 20.98 -17.55 29.10
CA GLN D 5 22.02 -16.94 29.89
C GLN D 5 23.30 -16.85 29.06
N LEU D 6 24.14 -15.88 29.42
CA LEU D 6 25.42 -15.68 28.77
C LEU D 6 26.49 -15.46 29.83
N GLN D 7 27.69 -15.97 29.57
CA GLN D 7 28.80 -15.86 30.51
C GLN D 7 30.09 -15.64 29.73
N GLU D 8 30.70 -14.48 29.90
CA GLU D 8 31.95 -14.15 29.23
C GLU D 8 33.14 -14.70 30.02
N SER D 9 34.30 -14.73 29.36
CA SER D 9 35.52 -15.19 29.99
C SER D 9 36.71 -14.45 29.38
N GLY D 10 37.81 -14.43 30.12
CA GLY D 10 39.01 -13.75 29.67
C GLY D 10 39.09 -12.32 30.17
N GLY D 11 40.29 -11.86 30.49
CA GLY D 11 40.47 -10.51 31.00
C GLY D 11 41.69 -10.44 31.90
N GLY D 12 41.61 -9.54 32.88
CA GLY D 12 42.70 -9.35 33.81
C GLY D 12 43.66 -8.26 33.38
N LEU D 13 44.72 -8.11 34.17
CA LEU D 13 45.72 -7.09 33.91
C LEU D 13 46.61 -7.53 32.74
N VAL D 14 46.66 -6.69 31.70
CA VAL D 14 47.46 -6.95 30.52
C VAL D 14 48.31 -5.73 30.22
N GLN D 15 49.58 -5.95 29.92
CA GLN D 15 50.47 -4.85 29.59
C GLN D 15 50.01 -4.20 28.28
N PRO D 16 50.20 -2.89 28.13
CA PRO D 16 49.80 -2.22 26.89
C PRO D 16 50.50 -2.82 25.68
N GLY D 17 49.77 -2.93 24.58
CA GLY D 17 50.28 -3.55 23.38
C GLY D 17 50.18 -5.06 23.36
N GLY D 18 49.58 -5.67 24.38
CA GLY D 18 49.46 -7.11 24.44
C GLY D 18 48.29 -7.66 23.63
N SER D 19 47.90 -8.89 23.90
CA SER D 19 46.82 -9.54 23.17
C SER D 19 45.89 -10.24 24.15
N LEU D 20 44.64 -10.40 23.73
CA LEU D 20 43.64 -11.07 24.54
C LEU D 20 42.63 -11.74 23.61
N ARG D 21 41.87 -12.68 24.17
CA ARG D 21 40.89 -13.44 23.39
C ARG D 21 39.74 -13.81 24.32
N LEU D 22 38.63 -13.08 24.20
CA LEU D 22 37.46 -13.32 25.02
C LEU D 22 36.63 -14.49 24.50
N SER D 23 35.97 -15.18 25.41
CA SER D 23 35.12 -16.31 25.07
C SER D 23 33.83 -16.25 25.86
N CYS D 24 32.76 -16.74 25.25
CA CYS D 24 31.46 -16.81 25.91
C CYS D 24 30.68 -17.98 25.33
N ALA D 25 30.01 -18.73 26.20
CA ALA D 25 29.28 -19.93 25.80
C ALA D 25 27.79 -19.65 25.92
N ALA D 26 27.12 -19.50 24.79
CA ALA D 26 25.69 -19.29 24.78
C ALA D 26 24.95 -20.60 25.05
N SER D 27 23.78 -20.48 25.67
CA SER D 27 22.98 -21.65 26.01
C SER D 27 21.54 -21.23 26.15
N GLY D 28 20.64 -22.21 26.05
CA GLY D 28 19.22 -21.97 26.20
C GLY D 28 18.50 -21.51 24.95
N PHE D 29 19.20 -21.35 23.83
CA PHE D 29 18.57 -20.90 22.60
C PHE D 29 19.43 -21.37 21.42
N THR D 30 18.82 -21.31 20.23
CA THR D 30 19.51 -21.67 19.00
C THR D 30 20.50 -20.56 18.66
N PHE D 31 21.79 -20.80 18.94
CA PHE D 31 22.80 -19.79 18.74
C PHE D 31 22.98 -19.46 17.26
N SER D 32 22.78 -20.43 16.37
CA SER D 32 22.97 -20.21 14.95
C SER D 32 21.92 -19.30 14.34
N ASN D 33 20.79 -19.10 15.01
CA ASN D 33 19.70 -18.29 14.47
C ASN D 33 19.65 -16.89 15.09
N TYR D 34 20.63 -16.53 15.92
CA TYR D 34 20.64 -15.24 16.59
C TYR D 34 21.92 -14.49 16.29
N LYS D 35 21.80 -13.19 16.05
CA LYS D 35 22.95 -12.33 15.82
C LYS D 35 23.52 -11.85 17.14
N MET D 36 24.84 -11.74 17.21
CA MET D 36 25.54 -11.42 18.45
C MET D 36 26.35 -10.13 18.30
N ASN D 37 26.34 -9.32 19.35
CA ASN D 37 27.06 -8.05 19.38
C ASN D 37 27.96 -7.99 20.61
N TRP D 38 28.99 -7.15 20.54
CA TRP D 38 29.91 -6.93 21.64
C TRP D 38 29.82 -5.49 22.11
N VAL D 39 29.79 -5.30 23.43
CA VAL D 39 29.70 -3.98 24.05
C VAL D 39 30.68 -3.91 25.21
N ARG D 40 31.35 -2.77 25.32
CA ARG D 40 32.22 -2.49 26.46
C ARG D 40 31.74 -1.23 27.16
N GLN D 41 31.95 -1.17 28.47
CA GLN D 41 31.55 -0.03 29.30
C GLN D 41 32.78 0.53 29.99
N ALA D 42 33.29 1.65 29.49
CA ALA D 42 34.40 2.32 30.11
C ALA D 42 33.99 2.89 31.47
N PRO D 43 34.91 2.94 32.43
CA PRO D 43 34.58 3.51 33.75
C PRO D 43 34.20 4.98 33.63
N GLY D 44 32.98 5.29 34.07
CA GLY D 44 32.46 6.64 33.96
C GLY D 44 31.86 6.99 32.63
N LYS D 45 31.73 6.02 31.72
CA LYS D 45 31.17 6.26 30.39
C LYS D 45 30.08 5.24 30.11
N GLY D 46 29.17 5.60 29.21
CA GLY D 46 28.07 4.74 28.87
C GLY D 46 28.45 3.61 27.93
N LEU D 47 27.50 2.70 27.74
CA LEU D 47 27.72 1.55 26.87
C LEU D 47 27.84 1.99 25.42
N GLU D 48 28.77 1.36 24.69
CA GLU D 48 28.98 1.67 23.29
C GLU D 48 29.20 0.37 22.51
N TRP D 49 28.66 0.33 21.30
CA TRP D 49 28.81 -0.83 20.43
C TRP D 49 30.24 -1.00 19.97
N VAL D 50 30.70 -2.25 19.90
CA VAL D 50 32.08 -2.57 19.52
C VAL D 50 32.12 -3.25 18.17
N SER D 51 31.51 -4.43 18.05
CA SER D 51 31.53 -5.19 16.81
C SER D 51 30.35 -6.16 16.80
N ASP D 52 30.05 -6.67 15.62
CA ASP D 52 28.96 -7.62 15.44
C ASP D 52 29.29 -8.56 14.30
N ILE D 53 28.63 -9.72 14.30
CA ILE D 53 28.83 -10.72 13.26
C ILE D 53 27.46 -11.34 12.94
N SER D 54 27.22 -11.58 11.65
CA SER D 54 25.94 -12.10 11.20
C SER D 54 25.73 -13.53 11.68
N GLN D 55 24.59 -14.10 11.30
CA GLN D 55 24.24 -15.45 11.74
C GLN D 55 25.25 -16.48 11.24
N SER D 56 25.58 -16.43 9.95
CA SER D 56 26.54 -17.36 9.36
C SER D 56 27.96 -16.80 9.33
N GLY D 57 28.17 -15.58 9.79
CA GLY D 57 29.49 -14.96 9.75
C GLY D 57 29.85 -14.31 8.45
N ALA D 58 28.94 -14.26 7.48
CA ALA D 58 29.24 -13.64 6.19
C ALA D 58 29.40 -12.13 6.28
N SER D 59 28.69 -11.48 7.18
CA SER D 59 28.75 -10.03 7.34
C SER D 59 29.38 -9.69 8.69
N ILE D 60 30.45 -8.90 8.65
CA ILE D 60 31.18 -8.51 9.85
C ILE D 60 31.45 -7.01 9.78
N SER D 61 31.21 -6.33 10.90
CA SER D 61 31.43 -4.90 10.99
C SER D 61 32.15 -4.57 12.28
N TYR D 62 32.90 -3.46 12.26
CA TYR D 62 33.65 -3.01 13.42
C TYR D 62 33.46 -1.51 13.61
N THR D 63 33.64 -1.06 14.84
CA THR D 63 33.63 0.36 15.15
C THR D 63 34.90 1.02 14.61
N GLY D 64 34.80 2.30 14.30
CA GLY D 64 35.94 3.02 13.75
C GLY D 64 37.13 3.03 14.68
N SER D 65 36.88 3.14 15.99
CA SER D 65 37.98 3.12 16.95
C SER D 65 38.66 1.76 17.04
N VAL D 66 37.99 0.69 16.61
CA VAL D 66 38.53 -0.65 16.64
C VAL D 66 38.61 -1.27 15.25
N LYS D 67 38.53 -0.44 14.22
CA LYS D 67 38.56 -0.94 12.84
C LYS D 67 39.92 -1.54 12.54
N GLY D 68 39.93 -2.83 12.17
CA GLY D 68 41.15 -3.54 11.88
C GLY D 68 41.92 -4.05 13.08
N ARG D 69 41.73 -3.44 14.25
CA ARG D 69 42.43 -3.89 15.46
C ARG D 69 41.96 -5.29 15.86
N PHE D 70 40.65 -5.49 15.95
CA PHE D 70 40.08 -6.69 16.54
C PHE D 70 39.45 -7.58 15.47
N THR D 71 39.41 -8.87 15.76
CA THR D 71 38.79 -9.86 14.89
C THR D 71 37.74 -10.62 15.68
N ILE D 72 36.53 -10.72 15.12
CA ILE D 72 35.41 -11.37 15.77
C ILE D 72 34.97 -12.56 14.92
N SER D 73 34.71 -13.68 15.59
CA SER D 73 34.30 -14.90 14.89
C SER D 73 33.42 -15.72 15.82
N ARG D 74 32.62 -16.59 15.22
CA ARG D 74 31.73 -17.49 15.96
C ARG D 74 31.86 -18.90 15.41
N ASP D 75 31.67 -19.88 16.29
CA ASP D 75 31.69 -21.29 15.90
C ASP D 75 30.37 -21.90 16.36
N ASN D 76 29.48 -22.17 15.40
CA ASN D 76 28.17 -22.73 15.73
C ASN D 76 28.30 -24.15 16.29
N ALA D 77 29.34 -24.88 15.90
CA ALA D 77 29.51 -26.25 16.38
C ALA D 77 29.81 -26.27 17.87
N LYS D 78 30.72 -25.40 18.33
CA LYS D 78 31.11 -25.38 19.72
C LYS D 78 30.21 -24.50 20.60
N ASN D 79 29.22 -23.84 20.00
CA ASN D 79 28.28 -22.99 20.75
C ASN D 79 29.00 -21.91 21.54
N THR D 80 29.98 -21.28 20.89
CA THR D 80 30.85 -20.33 21.56
C THR D 80 31.15 -19.17 20.62
N LEU D 81 31.17 -17.96 21.16
CA LEU D 81 31.51 -16.75 20.43
C LEU D 81 32.90 -16.28 20.81
N TYR D 82 33.64 -15.77 19.84
CA TYR D 82 35.03 -15.36 20.04
C TYR D 82 35.22 -13.92 19.59
N LEU D 83 36.18 -13.24 20.21
CA LEU D 83 36.55 -11.88 19.81
C LEU D 83 38.03 -11.69 20.13
N GLN D 84 38.86 -11.62 19.09
CA GLN D 84 40.29 -11.42 19.27
C GLN D 84 40.58 -9.95 19.60
N MET D 85 41.37 -9.73 20.65
CA MET D 85 41.77 -8.39 21.07
C MET D 85 43.30 -8.32 21.07
N ASN D 86 43.86 -7.64 20.06
CA ASN D 86 45.28 -7.38 19.98
C ASN D 86 45.53 -5.88 19.90
N SER D 87 46.80 -5.50 20.01
CA SER D 87 47.25 -4.11 19.98
C SER D 87 46.45 -3.23 20.94
N LEU D 88 46.48 -3.61 22.22
CA LEU D 88 45.72 -2.88 23.23
C LEU D 88 46.40 -1.55 23.57
N LYS D 89 45.59 -0.58 23.94
CA LYS D 89 45.99 0.73 24.42
C LYS D 89 45.23 1.05 25.70
N PRO D 90 45.81 1.86 26.60
CA PRO D 90 45.20 1.99 27.93
C PRO D 90 43.85 2.68 27.93
N GLU D 91 43.46 3.32 26.83
CA GLU D 91 42.12 3.86 26.72
C GLU D 91 41.06 2.78 26.52
N ASP D 92 41.47 1.54 26.28
CA ASP D 92 40.55 0.44 26.01
C ASP D 92 40.05 -0.26 27.26
N THR D 93 40.46 0.18 28.45
CA THR D 93 40.02 -0.46 29.68
C THR D 93 38.52 -0.29 29.87
N ALA D 94 37.80 -1.41 29.91
CA ALA D 94 36.35 -1.39 30.02
C ALA D 94 35.88 -2.80 30.33
N VAL D 95 34.64 -2.90 30.81
CA VAL D 95 34.00 -4.18 31.07
C VAL D 95 33.29 -4.60 29.79
N TYR D 96 33.79 -5.67 29.16
CA TYR D 96 33.24 -6.14 27.90
C TYR D 96 32.05 -7.05 28.15
N TYR D 97 30.92 -6.74 27.50
CA TYR D 97 29.71 -7.55 27.60
C TYR D 97 29.37 -8.12 26.23
N CYS D 98 28.83 -9.33 26.23
CA CYS D 98 28.30 -9.97 25.04
C CYS D 98 26.79 -9.87 25.07
N ALA D 99 26.20 -9.30 24.01
CA ALA D 99 24.77 -9.06 23.94
C ALA D 99 24.18 -9.72 22.71
N ARG D 100 22.92 -10.13 22.83
CA ARG D 100 22.20 -10.80 21.76
C ARG D 100 21.15 -9.87 21.17
N CYS D 101 20.61 -10.29 20.04
CA CYS D 101 19.51 -9.56 19.43
C CYS D 101 18.17 -10.06 19.95
N PRO D 102 17.13 -9.21 19.96
CA PRO D 102 15.84 -9.62 20.55
C PRO D 102 15.19 -10.79 19.83
N ALA D 103 15.01 -10.67 18.52
CA ALA D 103 14.28 -11.68 17.76
C ALA D 103 15.20 -12.39 16.78
N PRO D 104 15.02 -13.68 16.56
CA PRO D 104 15.84 -14.41 15.59
C PRO D 104 15.39 -14.14 14.17
N PHE D 105 16.27 -14.50 13.22
CA PHE D 105 16.04 -14.32 11.80
C PHE D 105 15.71 -12.86 11.47
N THR D 106 16.45 -11.95 12.08
CA THR D 106 16.24 -10.52 11.90
C THR D 106 17.54 -9.86 11.43
N ARG D 107 17.38 -8.70 10.80
CA ARG D 107 18.51 -7.92 10.30
C ARG D 107 18.59 -6.59 11.02
N ASP D 108 17.90 -6.46 12.14
CA ASP D 108 17.94 -5.24 12.95
C ASP D 108 18.13 -5.64 14.41
N CYS D 109 19.06 -4.98 15.08
CA CYS D 109 19.42 -5.30 16.46
C CYS D 109 19.41 -3.98 17.23
N PHE D 110 18.36 -3.74 18.01
CA PHE D 110 18.04 -2.41 18.52
C PHE D 110 18.60 -2.11 19.90
N ASP D 111 18.18 -2.88 20.92
CA ASP D 111 18.40 -2.50 22.32
C ASP D 111 19.67 -3.09 22.89
N VAL D 112 20.71 -3.23 22.07
CA VAL D 112 21.99 -3.74 22.55
C VAL D 112 22.67 -2.74 23.47
N THR D 113 22.64 -1.46 23.10
CA THR D 113 23.30 -0.40 23.86
C THR D 113 22.43 0.14 24.99
N SER D 114 21.26 -0.44 25.22
CA SER D 114 20.37 0.02 26.28
C SER D 114 21.00 -0.23 27.65
N THR D 115 20.59 0.58 28.62
CA THR D 115 21.13 0.48 29.97
C THR D 115 20.82 -0.88 30.59
N THR D 116 19.59 -1.36 30.42
CA THR D 116 19.17 -2.66 30.94
C THR D 116 18.77 -3.54 29.78
N TYR D 117 19.35 -4.74 29.71
CA TYR D 117 19.05 -5.69 28.66
C TYR D 117 19.00 -7.09 29.27
N ALA D 118 18.02 -7.89 28.84
CA ALA D 118 17.79 -9.20 29.41
C ALA D 118 18.52 -10.33 28.68
N TYR D 119 19.27 -10.02 27.63
CA TYR D 119 19.99 -11.03 26.84
C TYR D 119 21.46 -10.66 26.72
N ARG D 120 22.07 -10.24 27.82
CA ARG D 120 23.48 -9.94 27.87
C ARG D 120 24.11 -10.61 29.09
N GLY D 121 25.39 -10.95 28.97
CA GLY D 121 26.10 -11.60 30.04
C GLY D 121 26.55 -10.64 31.12
N GLN D 122 27.15 -11.22 32.17
CA GLN D 122 27.64 -10.42 33.28
C GLN D 122 28.90 -9.63 32.94
N GLY D 123 29.63 -10.04 31.90
CA GLY D 123 30.81 -9.33 31.47
C GLY D 123 32.05 -9.70 32.28
N THR D 124 33.20 -9.31 31.74
CA THR D 124 34.49 -9.57 32.37
C THR D 124 35.31 -8.29 32.40
N GLN D 125 36.07 -8.11 33.46
CA GLN D 125 36.90 -6.93 33.62
C GLN D 125 38.15 -7.03 32.76
N VAL D 126 38.41 -5.98 31.97
CA VAL D 126 39.60 -5.88 31.14
C VAL D 126 40.28 -4.57 31.50
N THR D 127 41.50 -4.66 32.05
CA THR D 127 42.25 -3.48 32.48
C THR D 127 43.60 -3.47 31.78
N VAL D 128 43.94 -2.33 31.18
CA VAL D 128 45.22 -2.18 30.50
C VAL D 128 46.01 -1.07 31.19
N SER D 129 46.89 -1.46 32.11
CA SER D 129 47.70 -0.52 32.87
C SER D 129 49.15 -0.96 32.83
N SER D 130 50.06 0.02 32.75
CA SER D 130 51.49 -0.25 32.71
C SER D 130 52.05 -0.28 34.12
N HIS D 131 52.75 -1.36 34.46
CA HIS D 131 53.35 -1.50 35.78
C HIS D 131 54.86 -1.64 35.68
N ALA E 1 -7.25 14.63 -38.84
CA ALA E 1 -7.42 15.08 -37.47
C ALA E 1 -7.63 13.89 -36.53
N VAL E 2 -8.90 13.55 -36.27
CA VAL E 2 -9.23 12.41 -35.43
C VAL E 2 -9.06 11.09 -36.15
N SER E 3 -9.16 11.08 -37.48
CA SER E 3 -8.85 9.93 -38.32
C SER E 3 -9.86 8.79 -38.15
N GLU E 4 -10.91 9.01 -37.37
CA GLU E 4 -12.03 8.07 -37.31
C GLU E 4 -13.35 8.72 -37.71
N HIS E 5 -13.39 10.05 -37.80
CA HIS E 5 -14.46 10.78 -38.45
C HIS E 5 -14.13 11.06 -39.91
N GLN E 6 -12.86 11.33 -40.19
CA GLN E 6 -12.40 11.47 -41.57
C GLN E 6 -12.59 10.18 -42.34
N LEU E 7 -12.32 9.03 -41.71
CA LEU E 7 -12.55 7.76 -42.37
C LEU E 7 -14.03 7.58 -42.69
N LEU E 8 -14.91 7.94 -41.76
CA LEU E 8 -16.35 7.83 -42.00
C LEU E 8 -16.77 8.70 -43.17
N HIS E 9 -16.29 9.95 -43.20
CA HIS E 9 -16.62 10.84 -44.31
C HIS E 9 -16.10 10.30 -45.64
N ASP E 10 -14.86 9.80 -45.65
CA ASP E 10 -14.28 9.29 -46.89
C ASP E 10 -15.04 8.06 -47.40
N LYS E 11 -15.40 7.15 -46.49
CA LYS E 11 -16.13 5.96 -46.91
C LYS E 11 -17.52 6.30 -47.40
N GLY E 12 -18.21 7.24 -46.74
CA GLY E 12 -19.51 7.68 -47.21
C GLY E 12 -19.41 8.32 -48.58
N LYS E 13 -18.40 9.15 -48.77
CA LYS E 13 -18.16 9.79 -50.07
C LYS E 13 -17.92 8.73 -51.14
N SER E 14 -17.12 7.71 -50.81
CA SER E 14 -16.82 6.64 -51.75
C SER E 14 -18.09 5.89 -52.15
N ILE E 15 -18.92 5.54 -51.18
CA ILE E 15 -20.14 4.80 -51.44
C ILE E 15 -21.08 5.62 -52.32
N GLN E 16 -21.31 6.89 -51.93
CA GLN E 16 -22.21 7.75 -52.69
C GLN E 16 -21.69 7.98 -54.10
N ASP E 17 -20.38 8.20 -54.24
CA ASP E 17 -19.75 8.42 -55.52
C ASP E 17 -19.89 7.19 -56.40
N LEU E 18 -19.70 6.00 -55.84
CA LEU E 18 -19.84 4.76 -56.61
C LEU E 18 -21.28 4.56 -57.08
N ARG E 19 -22.25 4.88 -56.22
CA ARG E 19 -23.65 4.74 -56.61
C ARG E 19 -23.97 5.70 -57.75
N ARG E 20 -23.51 6.95 -57.63
CA ARG E 20 -23.71 7.96 -58.68
C ARG E 20 -23.01 7.54 -59.96
N ARG E 21 -21.82 6.94 -59.83
CA ARG E 21 -21.09 6.39 -60.95
C ARG E 21 -22.00 5.43 -61.68
N PHE E 22 -22.39 4.34 -61.00
CA PHE E 22 -23.21 3.30 -61.60
C PHE E 22 -24.44 3.87 -62.29
N PHE E 23 -25.14 4.79 -61.62
CA PHE E 23 -26.33 5.41 -62.20
C PHE E 23 -26.01 6.09 -63.53
N LEU E 24 -25.11 7.09 -63.49
CA LEU E 24 -24.81 7.88 -64.68
C LEU E 24 -24.22 7.01 -65.77
N HIS E 25 -23.36 6.06 -65.38
CA HIS E 25 -22.69 5.20 -66.34
C HIS E 25 -23.69 4.31 -67.06
N HIS E 26 -24.62 3.70 -66.33
CA HIS E 26 -25.59 2.83 -67.00
C HIS E 26 -26.52 3.63 -67.90
N LEU E 27 -26.92 4.83 -67.44
CA LEU E 27 -27.77 5.66 -68.29
C LEU E 27 -27.05 6.05 -69.58
N ILE E 28 -25.81 6.53 -69.46
CA ILE E 28 -25.05 6.96 -70.62
C ILE E 28 -24.79 5.77 -71.55
N ALA E 29 -24.45 4.61 -70.98
CA ALA E 29 -24.21 3.42 -71.78
C ALA E 29 -25.45 3.05 -72.58
N GLU E 30 -26.60 2.98 -71.91
CA GLU E 30 -27.85 2.62 -72.56
C GLU E 30 -28.20 3.59 -73.69
N ILE E 31 -28.07 4.89 -73.45
CA ILE E 31 -28.54 5.86 -74.41
C ILE E 31 -27.56 6.04 -75.58
N HIS E 32 -26.26 5.93 -75.31
CA HIS E 32 -25.28 6.29 -76.33
C HIS E 32 -24.30 5.16 -76.68
N THR E 33 -23.79 4.45 -75.66
CA THR E 33 -22.69 3.53 -75.91
C THR E 33 -23.15 2.29 -76.67
N ALA E 34 -24.42 1.91 -76.52
CA ALA E 34 -24.94 0.77 -77.27
C ALA E 34 -24.94 0.99 -78.77
N GLU E 35 -24.92 2.24 -79.22
CA GLU E 35 -24.87 2.54 -80.65
C GLU E 35 -23.45 2.45 -81.20
N ILE E 36 -22.44 2.60 -80.35
CA ILE E 36 -21.05 2.53 -80.79
C ILE E 36 -20.71 1.14 -81.30
N VAL F 5 -20.24 17.32 -52.05
CA VAL F 5 -20.58 16.09 -52.76
C VAL F 5 -22.09 15.96 -52.91
N MET F 6 -22.54 15.57 -54.10
CA MET F 6 -23.95 15.37 -54.38
C MET F 6 -24.20 13.90 -54.69
N THR F 7 -25.27 13.35 -54.14
CA THR F 7 -25.59 11.94 -54.27
C THR F 7 -26.59 11.71 -55.38
N LYS F 8 -27.05 10.44 -55.48
CA LYS F 8 -28.02 10.09 -56.51
C LYS F 8 -29.35 10.81 -56.30
N GLU F 9 -29.78 10.95 -55.04
CA GLU F 9 -31.03 11.64 -54.75
C GLU F 9 -31.01 13.09 -55.21
N GLU F 10 -29.84 13.71 -55.30
CA GLU F 10 -29.72 15.05 -55.88
C GLU F 10 -29.56 15.02 -57.38
N GLN F 11 -28.95 13.97 -57.94
CA GLN F 11 -28.85 13.85 -59.38
C GLN F 11 -30.22 13.69 -60.01
N ILE F 12 -31.11 12.91 -59.38
CA ILE F 12 -32.47 12.75 -59.90
C ILE F 12 -33.22 14.08 -59.81
N PHE F 13 -32.96 14.86 -58.75
CA PHE F 13 -33.58 16.18 -58.65
C PHE F 13 -33.10 17.09 -59.78
N LEU F 14 -31.80 17.05 -60.08
CA LEU F 14 -31.28 17.85 -61.19
C LEU F 14 -31.89 17.41 -62.52
N LEU F 15 -32.02 16.10 -62.72
CA LEU F 15 -32.64 15.60 -63.96
C LEU F 15 -34.09 16.04 -64.06
N HIS F 16 -34.82 16.01 -62.94
CA HIS F 16 -36.20 16.48 -62.95
C HIS F 16 -36.29 17.96 -63.26
N ARG F 17 -35.37 18.76 -62.71
CA ARG F 17 -35.41 20.19 -62.98
C ARG F 17 -35.06 20.47 -64.44
N ALA F 18 -34.15 19.67 -65.01
CA ALA F 18 -33.86 19.78 -66.44
C ALA F 18 -35.08 19.43 -67.29
N GLN F 19 -35.80 18.35 -66.92
CA GLN F 19 -37.01 18.00 -67.64
C GLN F 19 -38.06 19.09 -67.56
N ALA F 20 -38.24 19.68 -66.38
CA ALA F 20 -39.19 20.77 -66.22
C ALA F 20 -38.77 21.99 -67.04
N GLN F 21 -37.48 22.33 -67.03
CA GLN F 21 -37.00 23.48 -67.80
C GLN F 21 -37.22 23.25 -69.30
N CYS F 22 -36.97 22.03 -69.76
CA CYS F 22 -37.25 21.71 -71.16
C CYS F 22 -38.73 21.82 -71.46
N GLU F 23 -39.58 21.30 -70.57
CA GLU F 23 -41.02 21.32 -70.80
C GLU F 23 -41.55 22.75 -70.89
N LYS F 24 -41.04 23.63 -70.02
CA LYS F 24 -41.42 25.03 -70.10
C LYS F 24 -40.87 25.68 -71.36
N ARG F 25 -39.67 25.27 -71.77
CA ARG F 25 -39.02 25.81 -72.97
C ARG F 25 -39.39 25.02 -74.22
N LEU F 26 -40.31 24.06 -74.12
CA LEU F 26 -40.70 23.19 -75.21
C LEU F 26 -41.81 23.80 -76.06
N LYS F 27 -42.33 24.96 -75.67
CA LYS F 27 -43.51 25.56 -76.29
C LYS F 27 -43.17 26.76 -77.16
N GLU F 28 -42.03 26.72 -77.86
CA GLU F 28 -41.65 27.84 -78.71
C GLU F 28 -42.59 27.92 -79.92
N VAL F 29 -42.71 29.14 -80.45
CA VAL F 29 -43.56 29.42 -81.60
C VAL F 29 -45.01 29.00 -81.33
N GLY F 79 -38.15 23.10 -91.29
CA GLY F 79 -37.11 22.51 -90.47
C GLY F 79 -37.66 21.71 -89.30
N ARG F 80 -36.91 20.69 -88.88
CA ARG F 80 -37.30 19.84 -87.78
C ARG F 80 -36.42 20.12 -86.56
N PRO F 81 -37.00 20.43 -85.40
CA PRO F 81 -36.17 20.71 -84.22
C PRO F 81 -35.28 19.55 -83.81
N CYS F 82 -35.73 18.31 -83.98
CA CYS F 82 -35.01 17.13 -83.46
C CYS F 82 -34.79 17.26 -81.96
N LEU F 83 -35.86 17.55 -81.24
CA LEU F 83 -35.75 17.87 -79.83
C LEU F 83 -35.50 16.62 -79.00
N PRO F 84 -34.41 16.57 -78.23
CA PRO F 84 -34.15 15.39 -77.39
C PRO F 84 -34.68 15.56 -75.98
N GLU F 85 -35.06 14.44 -75.37
CA GLU F 85 -35.39 14.40 -73.96
C GLU F 85 -35.21 12.98 -73.47
N TRP F 86 -35.07 12.85 -72.15
CA TRP F 86 -34.66 11.65 -71.42
C TRP F 86 -33.16 11.40 -71.60
N ASP F 87 -32.48 12.17 -72.44
CA ASP F 87 -31.03 12.18 -72.49
C ASP F 87 -30.42 12.94 -71.33
N HIS F 88 -31.15 13.93 -70.80
CA HIS F 88 -30.72 14.74 -69.66
C HIS F 88 -29.41 15.48 -69.96
N ILE F 89 -29.15 15.68 -71.25
CA ILE F 89 -27.98 16.43 -71.71
C ILE F 89 -28.42 17.54 -72.66
N LEU F 90 -29.16 17.18 -73.70
CA LEU F 90 -29.52 18.13 -74.74
C LEU F 90 -31.01 18.45 -74.72
N CYS F 91 -31.30 19.75 -74.77
CA CYS F 91 -32.65 20.27 -74.96
C CYS F 91 -32.52 21.49 -75.88
N TRP F 92 -31.32 21.68 -76.44
CA TRP F 92 -30.90 22.89 -77.13
C TRP F 92 -31.54 23.11 -78.50
N PRO F 93 -31.32 22.24 -79.49
CA PRO F 93 -31.64 22.61 -80.88
C PRO F 93 -33.12 22.84 -81.09
N LEU F 94 -33.42 23.77 -82.00
CA LEU F 94 -34.81 24.11 -82.31
C LEU F 94 -35.08 24.11 -83.81
N GLY F 95 -34.14 23.66 -84.63
CA GLY F 95 -34.36 23.65 -86.07
C GLY F 95 -33.09 23.42 -86.84
N ALA F 96 -32.96 24.09 -87.98
CA ALA F 96 -31.76 24.03 -88.82
C ALA F 96 -31.44 22.60 -89.24
N PRO F 97 -32.26 21.99 -90.09
CA PRO F 97 -31.96 20.61 -90.52
C PRO F 97 -30.66 20.55 -91.31
N GLY F 98 -29.94 19.43 -91.13
CA GLY F 98 -28.68 19.22 -91.80
C GLY F 98 -27.46 19.63 -90.99
N GLU F 99 -27.64 20.48 -89.98
CA GLU F 99 -26.53 20.94 -89.15
C GLU F 99 -26.98 21.03 -87.70
N VAL F 100 -26.00 21.03 -86.80
CA VAL F 100 -26.27 21.17 -85.37
C VAL F 100 -24.98 21.64 -84.71
N VAL F 101 -25.12 22.40 -83.63
CA VAL F 101 -23.99 22.89 -82.85
C VAL F 101 -23.87 22.04 -81.59
N ALA F 102 -22.64 21.86 -81.12
CA ALA F 102 -22.38 21.02 -79.96
C ALA F 102 -22.37 21.86 -78.69
N VAL F 103 -23.26 21.55 -77.77
CA VAL F 103 -23.22 22.16 -76.45
C VAL F 103 -22.12 21.50 -75.64
N PRO F 104 -21.12 22.24 -75.18
CA PRO F 104 -19.94 21.59 -74.58
C PRO F 104 -20.21 21.03 -73.19
N CYS F 105 -20.37 19.71 -73.11
CA CYS F 105 -20.31 18.90 -71.88
C CYS F 105 -21.02 19.59 -70.73
N PRO F 106 -22.37 19.65 -70.74
CA PRO F 106 -23.11 20.50 -69.81
C PRO F 106 -22.68 20.38 -68.35
N ASP F 107 -22.80 21.50 -67.62
CA ASP F 107 -22.32 21.60 -66.24
C ASP F 107 -23.33 21.19 -65.18
N TYR F 108 -24.61 21.09 -65.52
CA TYR F 108 -25.61 20.78 -64.50
C TYR F 108 -25.56 19.33 -64.04
N ILE F 109 -24.84 18.47 -64.74
CA ILE F 109 -24.55 17.13 -64.24
C ILE F 109 -23.20 17.16 -63.53
N TYR F 110 -23.03 16.29 -62.55
CA TYR F 110 -21.81 16.23 -61.77
C TYR F 110 -20.95 15.05 -62.22
N ASP F 111 -19.66 15.12 -61.86
CA ASP F 111 -18.65 14.15 -62.31
C ASP F 111 -18.64 14.10 -63.83
N PHE F 112 -18.18 15.20 -64.43
CA PHE F 112 -18.16 15.38 -65.87
C PHE F 112 -17.30 16.58 -66.21
N ASN F 113 -16.17 16.34 -66.87
CA ASN F 113 -15.22 17.40 -67.21
C ASN F 113 -15.83 18.25 -68.33
N HIS F 114 -16.32 19.44 -67.96
CA HIS F 114 -16.97 20.34 -68.91
C HIS F 114 -15.93 21.13 -69.70
N LYS F 115 -15.19 20.40 -70.54
CA LYS F 115 -14.17 21.01 -71.37
C LYS F 115 -14.12 20.45 -72.80
N GLY F 116 -15.00 19.54 -73.17
CA GLY F 116 -15.04 18.97 -74.49
C GLY F 116 -16.31 19.32 -75.24
N HIS F 117 -16.69 18.45 -76.18
CA HIS F 117 -17.92 18.62 -76.95
C HIS F 117 -18.29 17.34 -77.69
N ALA F 118 -19.59 17.11 -77.86
CA ALA F 118 -20.09 15.92 -78.54
C ALA F 118 -21.00 16.34 -79.70
N TYR F 119 -20.85 15.67 -80.84
CA TYR F 119 -21.59 15.98 -82.04
C TYR F 119 -22.81 15.08 -82.19
N ARG F 120 -23.83 15.62 -82.85
CA ARG F 120 -25.02 14.88 -83.23
C ARG F 120 -25.35 15.24 -84.67
N ARG F 121 -26.55 14.86 -85.13
CA ARG F 121 -26.98 15.20 -86.48
C ARG F 121 -28.49 15.16 -86.56
N CYS F 122 -29.06 16.13 -87.26
CA CYS F 122 -30.47 16.15 -87.61
C CYS F 122 -30.58 16.47 -89.10
N ASP F 123 -31.43 15.70 -89.80
CA ASP F 123 -31.38 15.69 -91.26
C ASP F 123 -32.65 16.36 -91.80
N ARG F 124 -32.75 16.38 -93.14
CA ARG F 124 -33.81 17.12 -93.81
C ARG F 124 -35.18 16.47 -93.56
N ASN F 125 -35.26 15.15 -93.69
CA ASN F 125 -36.53 14.44 -93.59
C ASN F 125 -36.95 14.14 -92.15
N GLY F 126 -36.12 14.50 -91.17
CA GLY F 126 -36.43 14.19 -89.79
C GLY F 126 -35.95 12.80 -89.40
N SER F 127 -34.78 12.41 -89.91
CA SER F 127 -34.21 11.11 -89.67
C SER F 127 -32.78 11.28 -89.14
N TRP F 128 -32.30 10.24 -88.46
CA TRP F 128 -30.98 10.25 -87.87
C TRP F 128 -30.22 9.00 -88.30
N GLU F 129 -28.90 9.11 -88.34
CA GLU F 129 -28.06 7.99 -88.73
C GLU F 129 -28.13 6.89 -87.67
N LEU F 130 -28.57 5.70 -88.09
CA LEU F 130 -28.70 4.57 -87.17
C LEU F 130 -28.72 3.27 -87.95
N VAL F 131 -27.91 2.31 -87.53
CA VAL F 131 -27.90 0.96 -88.10
C VAL F 131 -29.02 0.11 -87.50
N PRO F 132 -29.17 0.02 -86.17
CA PRO F 132 -30.16 -0.91 -85.61
C PRO F 132 -31.60 -0.39 -85.61
N GLY F 133 -31.84 0.83 -86.09
CA GLY F 133 -33.19 1.32 -86.22
C GLY F 133 -33.72 2.08 -85.03
N HIS F 134 -33.66 1.47 -83.85
CA HIS F 134 -34.21 2.08 -82.64
C HIS F 134 -33.22 2.97 -81.90
N ASN F 135 -31.95 3.01 -82.34
CA ASN F 135 -30.93 3.82 -81.69
C ASN F 135 -30.97 5.23 -82.27
N ARG F 136 -31.95 6.00 -81.82
CA ARG F 136 -32.12 7.37 -82.30
C ARG F 136 -31.09 8.29 -81.65
N THR F 137 -30.97 9.49 -82.24
CA THR F 137 -30.13 10.56 -81.73
C THR F 137 -28.67 10.11 -81.57
N TRP F 138 -28.02 9.97 -82.74
CA TRP F 138 -26.63 9.56 -82.80
C TRP F 138 -25.79 10.60 -82.07
N ALA F 139 -24.83 10.14 -81.25
CA ALA F 139 -24.07 11.02 -80.38
C ALA F 139 -22.61 10.59 -80.34
N ASN F 140 -21.78 11.43 -79.73
CA ASN F 140 -20.34 11.18 -79.62
C ASN F 140 -19.92 11.36 -78.16
N TYR F 141 -20.73 10.82 -77.25
CA TYR F 141 -20.67 11.19 -75.84
C TYR F 141 -19.44 10.61 -75.15
N SER F 142 -18.80 9.62 -75.77
CA SER F 142 -17.63 8.98 -75.17
C SER F 142 -16.38 9.84 -75.27
N GLU F 143 -16.41 10.90 -76.07
CA GLU F 143 -15.23 11.74 -76.25
C GLU F 143 -15.05 12.77 -75.14
N CYS F 144 -15.99 12.86 -74.20
CA CYS F 144 -15.93 13.87 -73.14
C CYS F 144 -15.91 13.25 -71.75
N VAL F 145 -16.40 12.02 -71.59
CA VAL F 145 -16.52 11.39 -70.29
C VAL F 145 -15.14 11.29 -69.62
N LYS F 146 -14.16 10.76 -70.36
CA LYS F 146 -12.72 10.76 -70.04
C LYS F 146 -12.42 10.22 -68.64
N PHE F 147 -13.39 9.61 -67.99
CA PHE F 147 -13.17 9.08 -66.64
C PHE F 147 -13.98 7.81 -66.47
N LEU F 148 -13.31 6.66 -66.60
CA LEU F 148 -13.95 5.35 -66.51
C LEU F 148 -12.98 4.35 -65.89
N THR F 149 -13.25 3.06 -66.07
CA THR F 149 -12.42 1.98 -65.53
C THR F 149 -12.29 2.09 -64.02
N ASN F 150 -13.42 1.89 -63.31
CA ASN F 150 -13.51 1.98 -61.86
C ASN F 150 -12.33 1.32 -61.15
N GLU F 151 -11.66 2.06 -60.27
CA GLU F 151 -10.51 1.53 -59.56
C GLU F 151 -10.96 0.73 -58.35
N THR F 152 -10.24 -0.35 -58.06
CA THR F 152 -10.50 -1.19 -56.90
C THR F 152 -9.48 -1.02 -55.79
N ARG F 153 -8.46 -0.19 -55.99
CA ARG F 153 -7.46 0.03 -54.96
C ARG F 153 -8.08 0.70 -53.74
N GLU F 154 -8.98 1.66 -53.96
CA GLU F 154 -9.61 2.35 -52.84
C GLU F 154 -10.40 1.39 -51.96
N ARG F 155 -11.22 0.54 -52.58
CA ARG F 155 -12.00 -0.42 -51.81
C ARG F 155 -11.12 -1.46 -51.15
N GLU F 156 -10.05 -1.88 -51.81
CA GLU F 156 -9.12 -2.83 -51.20
C GLU F 156 -8.48 -2.24 -49.96
N VAL F 157 -8.04 -0.99 -50.04
CA VAL F 157 -7.44 -0.32 -48.88
C VAL F 157 -8.47 -0.16 -47.77
N PHE F 158 -9.70 0.20 -48.13
CA PHE F 158 -10.76 0.36 -47.12
C PHE F 158 -11.04 -0.96 -46.41
N ASP F 159 -11.11 -2.06 -47.17
CA ASP F 159 -11.33 -3.37 -46.55
C ASP F 159 -10.15 -3.76 -45.66
N ARG F 160 -8.92 -3.49 -46.10
CA ARG F 160 -7.76 -3.81 -45.29
C ARG F 160 -7.78 -3.06 -43.96
N LEU F 161 -7.99 -1.74 -44.02
CA LEU F 161 -8.02 -0.95 -42.79
C LEU F 161 -9.17 -1.39 -41.89
N ALA F 162 -10.32 -1.71 -42.49
CA ALA F 162 -11.45 -2.19 -41.71
C ALA F 162 -11.10 -3.49 -40.98
N MET F 163 -10.50 -4.44 -41.70
CA MET F 163 -10.15 -5.70 -41.08
C MET F 163 -9.18 -5.50 -39.92
N ILE F 164 -8.15 -4.69 -40.12
CA ILE F 164 -7.13 -4.56 -39.08
C ILE F 164 -7.69 -3.84 -37.87
N TYR F 165 -8.45 -2.76 -38.08
CA TYR F 165 -8.98 -2.06 -36.92
C TYR F 165 -10.05 -2.89 -36.20
N THR F 166 -10.81 -3.70 -36.93
CA THR F 166 -11.78 -4.57 -36.29
C THR F 166 -11.09 -5.61 -35.41
N VAL F 167 -10.01 -6.22 -35.92
CA VAL F 167 -9.32 -7.22 -35.12
C VAL F 167 -8.65 -6.57 -33.90
N GLY F 168 -8.13 -5.35 -34.07
CA GLY F 168 -7.53 -4.66 -32.95
C GLY F 168 -8.54 -4.30 -31.89
N TYR F 169 -9.71 -3.80 -32.31
CA TYR F 169 -10.76 -3.51 -31.35
C TYR F 169 -11.28 -4.77 -30.68
N SER F 170 -11.33 -5.89 -31.40
CA SER F 170 -11.77 -7.14 -30.78
C SER F 170 -10.81 -7.57 -29.68
N VAL F 171 -9.51 -7.61 -29.98
CA VAL F 171 -8.54 -8.06 -28.97
C VAL F 171 -8.49 -7.08 -27.80
N SER F 172 -8.57 -5.77 -28.10
CA SER F 172 -8.57 -4.78 -27.03
C SER F 172 -9.81 -4.92 -26.15
N LEU F 173 -10.99 -5.16 -26.76
CA LEU F 173 -12.20 -5.33 -25.98
C LEU F 173 -12.11 -6.56 -25.09
N ALA F 174 -11.57 -7.66 -25.61
CA ALA F 174 -11.41 -8.85 -24.79
C ALA F 174 -10.49 -8.59 -23.61
N SER F 175 -9.32 -7.98 -23.87
CA SER F 175 -8.37 -7.71 -22.81
C SER F 175 -8.95 -6.75 -21.77
N LEU F 176 -9.66 -5.72 -22.21
CA LEU F 176 -10.21 -4.74 -21.29
C LEU F 176 -11.36 -5.31 -20.47
N THR F 177 -12.16 -6.21 -21.08
CA THR F 177 -13.20 -6.89 -20.31
C THR F 177 -12.58 -7.77 -19.23
N VAL F 178 -11.50 -8.49 -19.57
CA VAL F 178 -10.80 -9.29 -18.57
C VAL F 178 -10.27 -8.39 -17.45
N ALA F 179 -9.66 -7.26 -17.81
CA ALA F 179 -9.12 -6.35 -16.81
C ALA F 179 -10.21 -5.79 -15.92
N VAL F 180 -11.35 -5.40 -16.50
CA VAL F 180 -12.46 -4.87 -15.71
C VAL F 180 -12.98 -5.92 -14.74
N LEU F 181 -13.13 -7.16 -15.20
CA LEU F 181 -13.59 -8.22 -14.31
C LEU F 181 -12.61 -8.45 -13.16
N ILE F 182 -11.31 -8.48 -13.48
CA ILE F 182 -10.30 -8.71 -12.44
C ILE F 182 -10.32 -7.58 -11.42
N LEU F 183 -10.38 -6.34 -11.89
CA LEU F 183 -10.38 -5.20 -10.98
C LEU F 183 -11.66 -5.15 -10.15
N ALA F 184 -12.81 -5.50 -10.73
CA ALA F 184 -14.07 -5.44 -10.00
C ALA F 184 -14.21 -6.56 -8.99
N TYR F 185 -13.58 -7.71 -9.23
CA TYR F 185 -13.69 -8.81 -8.29
C TYR F 185 -13.03 -8.46 -6.96
N PHE F 186 -11.72 -8.19 -6.98
CA PHE F 186 -10.97 -8.03 -5.75
C PHE F 186 -11.39 -6.75 -5.02
N ARG F 187 -11.68 -6.89 -3.72
CA ARG F 187 -12.09 -5.74 -2.93
C ARG F 187 -10.91 -4.84 -2.59
N ARG F 188 -9.73 -5.43 -2.36
CA ARG F 188 -8.56 -4.66 -1.99
C ARG F 188 -8.11 -3.72 -3.11
N LEU F 189 -8.43 -4.05 -4.36
CA LEU F 189 -8.06 -3.21 -5.49
C LEU F 189 -8.94 -1.97 -5.63
N HIS F 190 -9.89 -1.76 -4.71
CA HIS F 190 -10.75 -0.59 -4.80
C HIS F 190 -10.00 0.66 -4.34
N CYS F 191 -9.74 1.57 -5.28
CA CYS F 191 -9.06 2.81 -4.99
C CYS F 191 -9.42 3.82 -6.07
N THR F 192 -9.15 5.10 -5.78
CA THR F 192 -9.47 6.16 -6.73
C THR F 192 -8.74 5.95 -8.04
N ARG F 193 -7.45 5.62 -7.97
CA ARG F 193 -6.70 5.31 -9.19
C ARG F 193 -7.33 4.15 -9.94
N ASN F 194 -7.70 3.09 -9.23
CA ASN F 194 -8.34 1.95 -9.87
C ASN F 194 -9.74 2.28 -10.36
N TYR F 195 -10.46 3.15 -9.65
CA TYR F 195 -11.77 3.58 -10.14
C TYR F 195 -11.66 4.30 -11.48
N ILE F 196 -10.70 5.23 -11.58
CA ILE F 196 -10.53 5.95 -12.85
C ILE F 196 -10.01 5.03 -13.94
N HIS F 197 -9.15 4.07 -13.58
CA HIS F 197 -8.72 3.07 -14.55
C HIS F 197 -9.89 2.26 -15.07
N MET F 198 -10.79 1.85 -14.17
CA MET F 198 -11.97 1.09 -14.58
C MET F 198 -12.88 1.93 -15.48
N HIS F 199 -13.03 3.21 -15.15
CA HIS F 199 -13.83 4.09 -16.01
C HIS F 199 -13.21 4.21 -17.39
N LEU F 200 -11.88 4.36 -17.48
CA LEU F 200 -11.22 4.43 -18.77
C LEU F 200 -11.39 3.14 -19.56
N PHE F 201 -11.28 1.99 -18.89
CA PHE F 201 -11.46 0.71 -19.57
C PHE F 201 -12.89 0.56 -20.06
N LEU F 202 -13.87 0.98 -19.25
CA LEU F 202 -15.27 0.93 -19.69
C LEU F 202 -15.49 1.82 -20.90
N SER F 203 -14.89 3.01 -20.90
CA SER F 203 -15.02 3.90 -22.06
C SER F 203 -14.40 3.28 -23.30
N PHE F 204 -13.24 2.62 -23.14
CA PHE F 204 -12.62 1.96 -24.28
C PHE F 204 -13.49 0.84 -24.82
N MET F 205 -14.08 0.03 -23.93
CA MET F 205 -14.97 -1.04 -24.37
C MET F 205 -16.21 -0.49 -25.05
N LEU F 206 -16.77 0.61 -24.54
CA LEU F 206 -17.92 1.23 -25.18
C LEU F 206 -17.56 1.73 -26.57
N ARG F 207 -16.37 2.34 -26.71
CA ARG F 207 -15.92 2.77 -28.03
C ARG F 207 -15.78 1.58 -28.98
N ALA F 208 -15.21 0.48 -28.51
CA ALA F 208 -15.02 -0.68 -29.37
C ALA F 208 -16.35 -1.27 -29.81
N VAL F 209 -17.30 -1.42 -28.88
CA VAL F 209 -18.58 -2.00 -29.24
C VAL F 209 -19.37 -1.05 -30.13
N SER F 210 -19.22 0.26 -29.94
CA SER F 210 -19.88 1.22 -30.83
C SER F 210 -19.30 1.14 -32.24
N ILE F 211 -17.98 0.98 -32.36
CA ILE F 211 -17.36 0.79 -33.67
C ILE F 211 -17.90 -0.46 -34.33
N PHE F 212 -17.99 -1.55 -33.55
CA PHE F 212 -18.50 -2.81 -34.10
C PHE F 212 -19.94 -2.65 -34.58
N VAL F 213 -20.78 -1.96 -33.81
CA VAL F 213 -22.17 -1.74 -34.21
C VAL F 213 -22.25 -0.88 -35.46
N LYS F 214 -21.48 0.21 -35.49
CA LYS F 214 -21.50 1.10 -36.64
C LYS F 214 -21.01 0.40 -37.90
N ASP F 215 -20.11 -0.58 -37.76
CA ASP F 215 -19.65 -1.33 -38.91
C ASP F 215 -20.76 -2.13 -39.59
N ALA F 216 -21.89 -2.33 -38.92
CA ALA F 216 -23.00 -3.09 -39.49
C ALA F 216 -24.29 -2.29 -39.61
N VAL F 217 -24.40 -1.13 -38.98
CA VAL F 217 -25.62 -0.33 -39.09
C VAL F 217 -25.81 0.18 -40.51
N LEU F 218 -24.78 0.77 -41.10
CA LEU F 218 -24.92 1.42 -42.40
C LEU F 218 -23.85 0.98 -43.40
N TYR F 219 -23.08 -0.05 -43.09
CA TYR F 219 -22.10 -0.61 -44.01
C TYR F 219 -22.38 -2.08 -44.27
N SER F 220 -23.67 -2.44 -44.33
CA SER F 220 -24.10 -3.80 -44.57
C SER F 220 -24.95 -3.87 -45.83
N GLY F 221 -24.82 -4.96 -46.55
CA GLY F 221 -25.57 -5.16 -47.78
C GLY F 221 -24.98 -4.41 -48.96
N ALA F 250 -36.61 2.75 -46.36
CA ALA F 250 -36.23 2.68 -44.95
C ALA F 250 -35.83 4.05 -44.42
N GLY F 251 -35.99 4.23 -43.11
CA GLY F 251 -35.66 5.48 -42.46
C GLY F 251 -34.21 5.57 -42.05
N TYR F 252 -33.76 6.79 -41.78
CA TYR F 252 -32.39 7.07 -41.37
C TYR F 252 -32.24 7.14 -39.85
N ALA F 253 -33.30 6.83 -39.09
CA ALA F 253 -33.26 7.00 -37.64
C ALA F 253 -32.18 6.14 -36.99
N GLY F 254 -32.06 4.89 -37.40
CA GLY F 254 -31.07 4.01 -36.81
C GLY F 254 -29.64 4.42 -37.13
N CYS F 255 -29.41 4.82 -38.39
CA CYS F 255 -28.07 5.21 -38.80
C CYS F 255 -27.61 6.47 -38.08
N ARG F 256 -28.50 7.46 -37.94
CA ARG F 256 -28.14 8.67 -37.22
C ARG F 256 -27.82 8.37 -35.76
N VAL F 257 -28.62 7.49 -35.14
CA VAL F 257 -28.38 7.13 -33.74
C VAL F 257 -27.03 6.42 -33.60
N ALA F 258 -26.73 5.52 -34.52
CA ALA F 258 -25.44 4.83 -34.47
C ALA F 258 -24.28 5.81 -34.62
N VAL F 259 -24.40 6.75 -35.56
CA VAL F 259 -23.34 7.72 -35.81
C VAL F 259 -23.13 8.61 -34.58
N THR F 260 -24.22 9.11 -33.99
CA THR F 260 -24.08 9.99 -32.84
C THR F 260 -23.55 9.24 -31.63
N PHE F 261 -23.94 7.98 -31.45
CA PHE F 261 -23.37 7.18 -30.36
C PHE F 261 -21.89 6.95 -30.57
N PHE F 262 -21.48 6.65 -31.80
CA PHE F 262 -20.06 6.45 -32.08
C PHE F 262 -19.26 7.71 -31.77
N LEU F 263 -19.76 8.87 -32.22
CA LEU F 263 -19.07 10.12 -31.95
C LEU F 263 -19.00 10.41 -30.45
N TYR F 264 -20.10 10.17 -29.73
CA TYR F 264 -20.11 10.41 -28.29
C TYR F 264 -19.11 9.51 -27.57
N PHE F 265 -19.07 8.23 -27.93
CA PHE F 265 -18.15 7.31 -27.27
C PHE F 265 -16.70 7.65 -27.60
N LEU F 266 -16.42 8.04 -28.85
CA LEU F 266 -15.06 8.45 -29.19
C LEU F 266 -14.64 9.68 -28.40
N ALA F 267 -15.53 10.67 -28.30
CA ALA F 267 -15.21 11.88 -27.54
C ALA F 267 -14.98 11.56 -26.07
N THR F 268 -15.83 10.69 -25.49
CA THR F 268 -15.66 10.32 -24.10
C THR F 268 -14.36 9.57 -23.86
N ASN F 269 -13.99 8.70 -24.81
CA ASN F 269 -12.72 7.98 -24.66
C ASN F 269 -11.54 8.94 -24.69
N TYR F 270 -11.54 9.88 -25.63
CA TYR F 270 -10.45 10.86 -25.69
C TYR F 270 -10.41 11.72 -24.44
N TYR F 271 -11.58 12.14 -23.95
CA TYR F 271 -11.62 12.98 -22.76
C TYR F 271 -11.18 12.22 -21.52
N TRP F 272 -11.51 10.93 -21.43
CA TRP F 272 -11.04 10.14 -20.29
C TRP F 272 -9.53 9.90 -20.36
N ILE F 273 -9.00 9.76 -21.59
CA ILE F 273 -7.56 9.67 -21.75
C ILE F 273 -6.90 10.95 -21.25
N LEU F 274 -7.49 12.10 -21.57
CA LEU F 274 -6.99 13.37 -21.04
C LEU F 274 -7.13 13.44 -19.52
N VAL F 275 -8.26 12.93 -19.00
CA VAL F 275 -8.53 12.98 -17.57
C VAL F 275 -7.53 12.15 -16.79
N GLU F 276 -7.05 11.05 -17.37
CA GLU F 276 -6.01 10.27 -16.72
C GLU F 276 -4.80 11.14 -16.40
N GLY F 277 -4.28 11.85 -17.41
CA GLY F 277 -3.13 12.71 -17.20
C GLY F 277 -3.44 13.89 -16.30
N LEU F 278 -4.65 14.45 -16.42
CA LEU F 278 -5.03 15.56 -15.55
C LEU F 278 -5.02 15.12 -14.08
N TYR F 279 -5.59 13.96 -13.79
CA TYR F 279 -5.62 13.45 -12.43
C TYR F 279 -4.21 13.14 -11.93
N LEU F 280 -3.37 12.55 -12.78
CA LEU F 280 -1.99 12.26 -12.38
C LEU F 280 -1.25 13.55 -12.04
N HIS F 281 -1.40 14.57 -12.89
CA HIS F 281 -0.71 15.83 -12.65
C HIS F 281 -1.23 16.52 -11.38
N SER F 282 -2.54 16.49 -11.16
CA SER F 282 -3.11 17.09 -9.96
C SER F 282 -2.63 16.36 -8.71
N LEU F 283 -2.59 15.02 -8.76
CA LEU F 283 -2.13 14.24 -7.62
C LEU F 283 -0.64 14.46 -7.35
N ILE F 284 0.14 14.71 -8.39
CA ILE F 284 1.57 14.95 -8.21
C ILE F 284 1.87 16.39 -7.80
N PHE F 285 1.18 17.36 -8.42
CA PHE F 285 1.52 18.78 -8.24
C PHE F 285 0.63 19.49 -7.22
N MET F 286 -0.68 19.50 -7.45
CA MET F 286 -1.55 20.47 -6.80
C MET F 286 -2.20 19.94 -5.53
N ALA F 287 -2.76 18.73 -5.58
CA ALA F 287 -3.67 18.28 -4.54
C ALA F 287 -2.98 18.21 -3.19
N PHE F 288 -2.04 17.26 -3.02
CA PHE F 288 -1.32 17.03 -1.78
C PHE F 288 -2.29 16.65 -0.65
N PHE F 289 -3.57 16.57 -0.98
CA PHE F 289 -4.63 16.26 -0.02
C PHE F 289 -5.94 16.21 -0.80
N SER F 290 -6.97 15.63 -0.16
CA SER F 290 -8.33 15.56 -0.70
C SER F 290 -8.36 14.93 -2.10
N GLU F 291 -7.54 13.91 -2.35
CA GLU F 291 -7.48 13.26 -3.64
C GLU F 291 -8.81 12.62 -4.00
N LYS F 292 -9.47 12.04 -3.01
CA LYS F 292 -10.76 11.39 -3.22
C LYS F 292 -11.90 12.37 -3.48
N LYS F 293 -11.66 13.67 -3.29
CA LYS F 293 -12.71 14.67 -3.47
C LYS F 293 -12.86 15.15 -4.91
N TYR F 294 -11.94 14.79 -5.80
CA TYR F 294 -12.00 15.20 -7.20
C TYR F 294 -12.48 14.07 -8.12
N LEU F 295 -12.86 12.93 -7.56
CA LEU F 295 -13.29 11.80 -8.38
C LEU F 295 -14.56 12.15 -9.16
N TRP F 296 -15.58 12.66 -8.46
CA TRP F 296 -16.82 13.02 -9.13
C TRP F 296 -16.63 14.17 -10.11
N GLY F 297 -15.79 15.13 -9.77
CA GLY F 297 -15.52 16.22 -10.70
C GLY F 297 -14.90 15.73 -11.99
N PHE F 298 -13.90 14.86 -11.89
CA PHE F 298 -13.29 14.29 -13.08
C PHE F 298 -14.28 13.45 -13.87
N THR F 299 -15.12 12.68 -13.17
CA THR F 299 -16.13 11.87 -13.85
C THR F 299 -17.10 12.74 -14.64
N VAL F 300 -17.57 13.83 -14.03
CA VAL F 300 -18.49 14.74 -14.71
C VAL F 300 -17.81 15.40 -15.89
N PHE F 301 -16.55 15.84 -15.71
CA PHE F 301 -15.84 16.49 -16.80
C PHE F 301 -15.62 15.53 -17.97
N GLY F 302 -15.38 14.25 -17.68
CA GLY F 302 -15.14 13.29 -18.75
C GLY F 302 -16.40 12.77 -19.41
N TRP F 303 -17.53 12.80 -18.71
CA TRP F 303 -18.76 12.24 -19.25
C TRP F 303 -19.70 13.32 -19.80
N GLY F 304 -20.05 14.31 -18.98
CA GLY F 304 -21.08 15.26 -19.38
C GLY F 304 -20.65 16.15 -20.52
N LEU F 305 -19.41 16.65 -20.49
CA LEU F 305 -18.96 17.58 -21.52
C LEU F 305 -19.01 16.99 -22.93
N PRO F 306 -18.52 15.77 -23.20
CA PRO F 306 -18.74 15.20 -24.53
C PRO F 306 -20.20 15.03 -24.87
N ALA F 307 -21.05 14.73 -23.88
CA ALA F 307 -22.48 14.62 -24.14
C ALA F 307 -23.06 15.96 -24.60
N VAL F 308 -22.68 17.05 -23.93
CA VAL F 308 -23.13 18.38 -24.35
C VAL F 308 -22.62 18.70 -25.74
N PHE F 309 -21.35 18.36 -26.02
CA PHE F 309 -20.77 18.64 -27.32
C PHE F 309 -21.52 17.91 -28.42
N VAL F 310 -21.82 16.63 -28.20
CA VAL F 310 -22.55 15.83 -29.18
C VAL F 310 -23.98 16.35 -29.33
N ALA F 311 -24.60 16.80 -28.24
CA ALA F 311 -25.94 17.37 -28.34
C ALA F 311 -25.94 18.62 -29.20
N VAL F 312 -24.93 19.48 -29.00
CA VAL F 312 -24.81 20.68 -29.83
C VAL F 312 -24.60 20.29 -31.29
N TRP F 313 -23.75 19.28 -31.54
CA TRP F 313 -23.49 18.86 -32.92
C TRP F 313 -24.74 18.33 -33.59
N VAL F 314 -25.51 17.50 -32.89
CA VAL F 314 -26.71 16.92 -33.49
C VAL F 314 -27.77 18.00 -33.70
N SER F 315 -27.89 18.94 -32.77
CA SER F 315 -28.84 20.03 -32.95
C SER F 315 -28.49 20.87 -34.16
N VAL F 316 -27.21 21.19 -34.32
CA VAL F 316 -26.78 21.98 -35.48
C VAL F 316 -27.01 21.20 -36.77
N ARG F 317 -26.69 19.90 -36.76
CA ARG F 317 -26.91 19.09 -37.95
C ARG F 317 -28.39 19.04 -38.33
N ALA F 318 -29.27 18.89 -37.34
CA ALA F 318 -30.69 18.76 -37.63
C ALA F 318 -31.35 20.09 -38.01
N THR F 319 -30.85 21.21 -37.49
CA THR F 319 -31.52 22.47 -37.75
C THR F 319 -30.88 23.28 -38.89
N LEU F 320 -29.65 22.94 -39.29
CA LEU F 320 -29.03 23.64 -40.41
C LEU F 320 -29.38 22.99 -41.74
N ALA F 321 -28.95 21.74 -41.93
CA ALA F 321 -29.15 21.04 -43.20
C ALA F 321 -30.10 19.86 -43.07
N ASN F 322 -29.78 18.91 -42.18
CA ASN F 322 -30.57 17.69 -41.98
C ASN F 322 -30.81 16.97 -43.31
N THR F 323 -29.78 16.88 -44.15
CA THR F 323 -29.89 16.22 -45.45
C THR F 323 -29.19 14.87 -45.40
N GLY F 324 -29.90 13.84 -45.87
CA GLY F 324 -29.36 12.49 -45.86
C GLY F 324 -29.03 12.00 -44.46
N CYS F 325 -28.01 11.16 -44.35
CA CYS F 325 -27.52 10.71 -43.05
C CYS F 325 -26.32 11.54 -42.63
N TRP F 326 -25.98 11.44 -41.34
CA TRP F 326 -24.80 12.13 -40.81
C TRP F 326 -23.51 11.40 -41.14
N ASP F 327 -23.54 10.41 -42.03
CA ASP F 327 -22.31 9.72 -42.42
C ASP F 327 -21.39 10.63 -43.21
N LEU F 328 -21.95 11.61 -43.93
CA LEU F 328 -21.17 12.55 -44.72
C LEU F 328 -21.00 13.86 -43.96
N SER F 329 -19.98 14.62 -44.36
CA SER F 329 -19.75 15.93 -43.79
C SER F 329 -20.73 16.95 -44.36
N SER F 330 -20.90 18.05 -43.64
CA SER F 330 -21.83 19.11 -44.05
C SER F 330 -21.17 20.47 -43.90
N GLY F 331 -19.88 20.57 -44.21
CA GLY F 331 -19.18 21.84 -44.15
C GLY F 331 -18.44 22.09 -42.86
N ASN F 332 -18.55 23.31 -42.34
CA ASN F 332 -17.81 23.70 -41.14
C ASN F 332 -18.41 23.13 -39.86
N LYS F 333 -19.58 22.49 -39.93
CA LYS F 333 -20.17 21.89 -38.73
C LYS F 333 -19.35 20.73 -38.20
N LYS F 334 -18.41 20.22 -39.00
CA LYS F 334 -17.52 19.16 -38.53
C LYS F 334 -16.64 19.64 -37.39
N TRP F 335 -16.21 20.91 -37.44
CA TRP F 335 -15.33 21.46 -36.41
C TRP F 335 -16.00 21.62 -35.06
N ILE F 336 -17.33 21.47 -34.99
CA ILE F 336 -18.02 21.56 -33.71
C ILE F 336 -17.52 20.49 -32.75
N ILE F 337 -17.33 19.28 -33.26
CA ILE F 337 -16.78 18.18 -32.46
C ILE F 337 -15.29 17.98 -32.69
N GLN F 338 -14.80 18.15 -33.92
CA GLN F 338 -13.43 17.84 -34.27
C GLN F 338 -12.43 18.68 -33.48
N VAL F 339 -12.64 20.00 -33.44
CA VAL F 339 -11.70 20.89 -32.75
C VAL F 339 -11.60 20.59 -31.26
N PRO F 340 -12.71 20.43 -30.51
CA PRO F 340 -12.57 20.11 -29.08
C PRO F 340 -11.79 18.82 -28.80
N ILE F 341 -12.13 17.73 -29.47
CA ILE F 341 -11.43 16.47 -29.24
C ILE F 341 -9.97 16.58 -29.67
N LEU F 342 -9.68 17.33 -30.73
CA LEU F 342 -8.30 17.55 -31.14
C LEU F 342 -7.54 18.37 -30.10
N ALA F 343 -8.23 19.28 -29.41
CA ALA F 343 -7.56 20.16 -28.46
C ALA F 343 -7.08 19.42 -27.22
N SER F 344 -7.81 18.38 -26.79
CA SER F 344 -7.39 17.63 -25.62
C SER F 344 -6.05 16.95 -25.83
N ILE F 345 -5.70 16.66 -27.08
CA ILE F 345 -4.43 16.02 -27.38
C ILE F 345 -3.27 16.90 -26.95
N VAL F 346 -3.35 18.20 -27.25
CA VAL F 346 -2.26 19.12 -26.90
C VAL F 346 -2.12 19.23 -25.38
N LEU F 347 -3.25 19.34 -24.67
CA LEU F 347 -3.21 19.45 -23.22
C LEU F 347 -2.61 18.20 -22.59
N ASN F 348 -3.02 17.02 -23.06
CA ASN F 348 -2.46 15.79 -22.51
C ASN F 348 -0.99 15.64 -22.87
N PHE F 349 -0.60 16.13 -24.06
CA PHE F 349 0.80 16.17 -24.45
C PHE F 349 1.61 17.01 -23.48
N ILE F 350 1.12 18.20 -23.13
CA ILE F 350 1.85 19.08 -22.22
C ILE F 350 1.90 18.47 -20.82
N LEU F 351 0.82 17.83 -20.39
CA LEU F 351 0.83 17.16 -19.09
C LEU F 351 1.86 16.04 -19.07
N PHE F 352 1.96 15.28 -20.16
CA PHE F 352 2.98 14.23 -20.24
C PHE F 352 4.38 14.82 -20.22
N ILE F 353 4.56 15.98 -20.88
CA ILE F 353 5.83 16.69 -20.83
C ILE F 353 6.20 16.97 -19.38
N ASN F 354 5.27 17.59 -18.64
CA ASN F 354 5.55 17.99 -17.26
C ASN F 354 5.84 16.77 -16.39
N ILE F 355 5.07 15.69 -16.55
CA ILE F 355 5.24 14.53 -15.69
C ILE F 355 6.56 13.83 -15.98
N VAL F 356 6.94 13.72 -17.25
CA VAL F 356 8.23 13.12 -17.58
C VAL F 356 9.37 14.00 -17.07
N ARG F 357 9.20 15.32 -17.13
CA ARG F 357 10.21 16.22 -16.56
C ARG F 357 10.36 15.99 -15.05
N VAL F 358 9.23 15.84 -14.35
CA VAL F 358 9.28 15.59 -12.91
C VAL F 358 9.95 14.26 -12.62
N LEU F 359 9.64 13.23 -13.41
CA LEU F 359 10.28 11.92 -13.22
C LEU F 359 11.79 12.01 -13.43
N ALA F 360 12.22 12.74 -14.46
CA ALA F 360 13.65 12.90 -14.70
C ALA F 360 14.32 13.66 -13.57
N THR F 361 13.65 14.70 -13.06
CA THR F 361 14.21 15.46 -11.94
C THR F 361 14.34 14.59 -10.70
N LYS F 362 13.32 13.77 -10.42
CA LYS F 362 13.39 12.87 -9.27
C LYS F 362 14.52 11.85 -9.42
N LEU F 363 14.67 11.29 -10.63
CA LEU F 363 15.75 10.34 -10.86
C LEU F 363 17.12 10.99 -10.71
N ARG F 364 17.27 12.22 -11.18
CA ARG F 364 18.54 12.92 -11.03
C ARG F 364 18.82 13.26 -9.57
N GLU F 365 17.79 13.64 -8.82
CA GLU F 365 17.99 14.01 -7.42
C GLU F 365 18.26 12.81 -6.53
N THR F 366 17.64 11.66 -6.81
CA THR F 366 17.85 10.48 -5.98
C THR F 366 19.19 9.81 -6.23
N ASN F 367 19.88 10.18 -7.30
CA ASN F 367 21.18 9.59 -7.66
C ASN F 367 21.10 8.08 -7.78
N THR F 373 24.33 8.29 -13.00
CA THR F 373 24.63 6.91 -13.35
C THR F 373 24.00 6.53 -14.69
N ARG F 374 24.60 5.55 -15.37
CA ARG F 374 24.05 5.10 -16.65
C ARG F 374 22.73 4.36 -16.47
N GLN F 375 22.51 3.76 -15.30
CA GLN F 375 21.25 3.07 -15.04
C GLN F 375 20.08 4.03 -14.95
N GLN F 376 20.33 5.32 -14.67
CA GLN F 376 19.26 6.29 -14.62
C GLN F 376 18.56 6.44 -15.97
N TYR F 377 19.32 6.43 -17.06
CA TYR F 377 18.73 6.54 -18.39
C TYR F 377 17.83 5.35 -18.70
N ARG F 378 18.25 4.15 -18.27
CA ARG F 378 17.43 2.96 -18.49
C ARG F 378 16.09 3.07 -17.76
N LYS F 379 16.13 3.53 -16.50
CA LYS F 379 14.89 3.71 -15.74
C LYS F 379 14.03 4.80 -16.36
N LEU F 380 14.67 5.88 -16.84
CA LEU F 380 13.91 6.96 -17.48
C LEU F 380 13.22 6.46 -18.74
N LEU F 381 13.90 5.65 -19.54
CA LEU F 381 13.28 5.08 -20.73
C LEU F 381 12.17 4.11 -20.38
N LYS F 382 12.38 3.31 -19.31
CA LYS F 382 11.36 2.36 -18.88
C LYS F 382 10.09 3.09 -18.45
N SER F 383 10.24 4.16 -17.67
CA SER F 383 9.08 4.91 -17.20
C SER F 383 8.44 5.76 -18.28
N THR F 384 9.23 6.38 -19.16
CA THR F 384 8.67 7.20 -20.22
C THR F 384 7.84 6.38 -21.19
N LEU F 385 8.33 5.18 -21.54
CA LEU F 385 7.56 4.30 -22.43
C LEU F 385 6.24 3.88 -21.81
N VAL F 386 6.28 3.36 -20.58
CA VAL F 386 5.08 2.85 -19.92
C VAL F 386 3.97 3.90 -19.80
N LEU F 387 4.33 5.14 -19.46
CA LEU F 387 3.34 6.20 -19.30
C LEU F 387 2.78 6.71 -20.62
N MET F 388 3.44 6.41 -21.74
CA MET F 388 3.04 7.00 -23.02
C MET F 388 1.66 6.56 -23.50
N PRO F 389 1.30 5.27 -23.55
CA PRO F 389 -0.04 4.91 -24.07
C PRO F 389 -1.17 5.49 -23.27
N LEU F 390 -1.01 5.64 -21.96
CA LEU F 390 -2.06 6.12 -21.08
C LEU F 390 -2.39 7.59 -21.33
N PHE F 391 -1.54 8.30 -22.07
CA PHE F 391 -1.72 9.71 -22.38
C PHE F 391 -2.12 9.87 -23.85
N GLY F 392 -2.18 11.11 -24.29
CA GLY F 392 -2.56 11.41 -25.66
C GLY F 392 -1.40 11.38 -26.63
N VAL F 393 -0.25 10.88 -26.18
CA VAL F 393 0.92 10.80 -27.03
C VAL F 393 0.66 9.79 -28.15
N HIS F 394 1.37 9.95 -29.27
CA HIS F 394 1.22 9.29 -30.56
C HIS F 394 0.06 9.89 -31.36
N TYR F 395 -0.73 10.79 -30.78
CA TYR F 395 -1.71 11.54 -31.55
C TYR F 395 -1.07 12.75 -32.23
N ILE F 396 0.06 13.22 -31.68
CA ILE F 396 0.72 14.41 -32.19
C ILE F 396 1.34 14.21 -33.57
N VAL F 397 1.53 12.96 -33.99
CA VAL F 397 2.15 12.70 -35.29
C VAL F 397 1.27 13.20 -36.41
N PHE F 398 -0.04 12.97 -36.31
CA PHE F 398 -0.99 13.37 -37.35
C PHE F 398 -2.12 14.22 -36.79
N MET F 399 -1.87 14.97 -35.72
CA MET F 399 -2.91 15.83 -35.16
C MET F 399 -3.23 17.00 -36.08
N ALA F 400 -2.19 17.68 -36.56
CA ALA F 400 -2.37 18.93 -37.29
C ALA F 400 -2.55 18.77 -38.78
N THR F 401 -2.48 17.55 -39.30
CA THR F 401 -2.66 17.35 -40.74
C THR F 401 -4.12 17.56 -41.12
N PRO F 402 -4.44 18.48 -42.03
CA PRO F 402 -5.84 18.70 -42.40
C PRO F 402 -6.39 17.57 -43.25
N TYR F 403 -7.67 17.67 -43.62
CA TYR F 403 -8.27 16.66 -44.48
C TYR F 403 -7.62 16.66 -45.86
N THR F 404 -7.34 15.46 -46.36
CA THR F 404 -6.67 15.29 -47.64
C THR F 404 -7.52 14.40 -48.53
N GLU F 405 -7.02 14.13 -49.73
CA GLU F 405 -7.73 13.29 -50.67
C GLU F 405 -7.73 11.83 -50.20
N VAL F 406 -8.64 11.04 -50.79
CA VAL F 406 -8.73 9.63 -50.45
C VAL F 406 -7.44 8.89 -50.79
N SER F 407 -6.84 9.17 -51.95
CA SER F 407 -5.59 8.55 -52.35
C SER F 407 -4.45 9.52 -52.11
N GLY F 408 -3.27 8.97 -51.87
CA GLY F 408 -2.08 9.75 -51.61
C GLY F 408 -1.21 9.09 -50.57
N THR F 409 0.09 9.41 -50.61
CA THR F 409 1.04 8.81 -49.69
C THR F 409 0.76 9.23 -48.25
N LEU F 410 0.45 10.51 -48.03
CA LEU F 410 0.20 11.00 -46.69
C LEU F 410 -1.05 10.36 -46.09
N TRP F 411 -2.11 10.23 -46.89
CA TRP F 411 -3.36 9.69 -46.38
C TRP F 411 -3.22 8.22 -45.98
N GLN F 412 -2.54 7.42 -46.80
CA GLN F 412 -2.47 5.99 -46.55
C GLN F 412 -1.66 5.67 -45.31
N VAL F 413 -0.50 6.31 -45.15
CA VAL F 413 0.35 6.02 -43.99
C VAL F 413 -0.32 6.49 -42.70
N GLN F 414 -0.96 7.67 -42.74
CA GLN F 414 -1.65 8.19 -41.56
C GLN F 414 -2.81 7.27 -41.17
N MET F 415 -3.60 6.84 -42.15
CA MET F 415 -4.77 6.01 -41.86
C MET F 415 -4.36 4.67 -41.27
N HIS F 416 -3.36 4.02 -41.87
CA HIS F 416 -2.89 2.74 -41.36
C HIS F 416 -2.29 2.90 -39.96
N TYR F 417 -1.49 3.95 -39.77
CA TYR F 417 -0.88 4.20 -38.47
C TYR F 417 -1.94 4.36 -37.38
N GLU F 418 -2.97 5.16 -37.67
CA GLU F 418 -4.03 5.39 -36.68
C GLU F 418 -4.83 4.13 -36.44
N MET F 419 -5.31 3.49 -37.50
CA MET F 419 -6.12 2.27 -37.32
C MET F 419 -5.34 1.13 -36.69
N LEU F 420 -4.01 1.20 -36.69
CA LEU F 420 -3.23 0.25 -35.92
C LEU F 420 -3.13 0.66 -34.45
N PHE F 421 -2.53 1.82 -34.18
CA PHE F 421 -2.17 2.17 -32.81
C PHE F 421 -3.38 2.54 -31.98
N ASN F 422 -4.32 3.32 -32.54
CA ASN F 422 -5.52 3.67 -31.81
C ASN F 422 -6.35 2.44 -31.47
N SER F 423 -6.39 1.45 -32.36
CA SER F 423 -7.20 0.26 -32.13
C SER F 423 -6.52 -0.67 -31.12
N PHE F 424 -5.18 -0.76 -31.17
CA PHE F 424 -4.45 -1.63 -30.26
C PHE F 424 -4.10 -0.95 -28.95
N GLN F 425 -4.46 0.33 -28.78
CA GLN F 425 -4.09 1.06 -27.57
C GLN F 425 -4.72 0.46 -26.33
N GLY F 426 -6.00 0.07 -26.42
CA GLY F 426 -6.67 -0.48 -25.26
C GLY F 426 -6.04 -1.75 -24.76
N PHE F 427 -5.66 -2.65 -25.68
CA PHE F 427 -4.99 -3.89 -25.29
C PHE F 427 -3.67 -3.60 -24.57
N PHE F 428 -2.89 -2.66 -25.11
CA PHE F 428 -1.61 -2.33 -24.51
C PHE F 428 -1.79 -1.69 -23.13
N VAL F 429 -2.75 -0.78 -23.00
CA VAL F 429 -3.00 -0.13 -21.71
C VAL F 429 -3.44 -1.16 -20.68
N ALA F 430 -4.33 -2.08 -21.08
CA ALA F 430 -4.76 -3.14 -20.18
C ALA F 430 -3.58 -4.01 -19.76
N ILE F 431 -2.72 -4.38 -20.72
CA ILE F 431 -1.56 -5.21 -20.42
C ILE F 431 -0.65 -4.51 -19.42
N ILE F 432 -0.40 -3.22 -19.60
CA ILE F 432 0.46 -2.48 -18.69
C ILE F 432 -0.15 -2.37 -17.29
N TYR F 433 -1.40 -1.95 -17.20
CA TYR F 433 -1.95 -1.49 -15.92
C TYR F 433 -2.83 -2.51 -15.21
N CYS F 434 -3.05 -3.70 -15.77
CA CYS F 434 -3.75 -4.75 -15.04
C CYS F 434 -2.92 -6.01 -14.86
N PHE F 435 -2.39 -6.57 -15.94
CA PHE F 435 -1.66 -7.84 -15.85
C PHE F 435 -0.27 -7.64 -15.27
N CYS F 436 0.38 -6.52 -15.59
CA CYS F 436 1.72 -6.24 -15.12
C CYS F 436 1.75 -5.46 -13.81
N ASN F 437 0.59 -5.07 -13.29
CA ASN F 437 0.54 -4.34 -12.02
C ASN F 437 0.92 -5.26 -10.87
N GLY F 438 1.72 -4.73 -9.93
CA GLY F 438 2.17 -5.54 -8.82
C GLY F 438 1.03 -5.95 -7.90
N GLU F 439 0.11 -5.02 -7.62
CA GLU F 439 -0.99 -5.32 -6.71
C GLU F 439 -1.89 -6.42 -7.28
N VAL F 440 -2.20 -6.34 -8.58
CA VAL F 440 -3.06 -7.33 -9.20
C VAL F 440 -2.38 -8.69 -9.22
N GLN F 441 -1.08 -8.73 -9.52
CA GLN F 441 -0.35 -9.99 -9.51
C GLN F 441 -0.32 -10.59 -8.11
N ALA F 442 -0.09 -9.77 -7.09
CA ALA F 442 -0.09 -10.27 -5.72
C ALA F 442 -1.45 -10.81 -5.32
N GLU F 443 -2.52 -10.10 -5.70
CA GLU F 443 -3.87 -10.58 -5.39
C GLU F 443 -4.17 -11.89 -6.09
N ILE F 444 -3.75 -12.02 -7.35
CA ILE F 444 -3.97 -13.26 -8.10
C ILE F 444 -3.20 -14.40 -7.46
N LYS F 445 -1.95 -14.16 -7.05
CA LYS F 445 -1.17 -15.19 -6.39
C LYS F 445 -1.80 -15.61 -5.07
N LYS F 446 -2.28 -14.64 -4.28
CA LYS F 446 -2.93 -14.97 -3.02
C LYS F 446 -4.19 -15.79 -3.25
N SER F 447 -5.00 -15.41 -4.23
CA SER F 447 -6.23 -16.15 -4.52
C SER F 447 -5.92 -17.56 -4.99
N TRP F 448 -4.91 -17.72 -5.83
CA TRP F 448 -4.54 -19.05 -6.30
C TRP F 448 -3.99 -19.91 -5.17
N SER F 449 -3.21 -19.32 -4.28
CA SER F 449 -2.69 -20.06 -3.13
C SER F 449 -3.82 -20.49 -2.20
N ARG F 450 -4.80 -19.61 -1.98
CA ARG F 450 -5.94 -19.97 -1.14
C ARG F 450 -6.76 -21.08 -1.78
N TRP F 451 -6.90 -21.05 -3.11
CA TRP F 451 -7.69 -22.07 -3.80
C TRP F 451 -7.05 -23.44 -3.67
N THR F 452 -5.74 -23.53 -3.90
CA THR F 452 -5.07 -24.82 -3.85
C THR F 452 -4.92 -25.33 -2.41
N LEU F 453 -4.94 -24.42 -1.43
CA LEU F 453 -4.83 -24.82 -0.03
C LEU F 453 -6.15 -25.34 0.52
N ALA F 454 -7.27 -25.07 -0.15
CA ALA F 454 -8.58 -25.50 0.31
C ALA F 454 -8.92 -26.93 -0.13
N LEU F 455 -8.05 -27.59 -0.88
CA LEU F 455 -8.28 -28.96 -1.32
C LEU F 455 -8.31 -29.93 -0.13
#